data_3D1N
#
_entry.id   3D1N
#
_cell.length_a   100.298
_cell.length_b   112.060
_cell.length_c   181.504
_cell.angle_alpha   90.00
_cell.angle_beta   90.00
_cell.angle_gamma   90.00
#
_symmetry.space_group_name_H-M   'P 21 21 21'
#
loop_
_entity.id
_entity.type
_entity.pdbx_description
1 polymer "5'-D(*DAP*DGP*DCP*DAP*DTP*DAP*DAP*DAP*DTP*DAP*DAP*DTP*DAP*DA)-3'"
2 polymer "5'-D(*DTP*DTP*DAP*DTP*DTP*DAP*DTP*DTP*DTP*DAP*DTP*DGP*DCP*DT)-3'"
3 polymer 'POU domain, class 6, transcription factor 1'
4 water water
#
loop_
_entity_poly.entity_id
_entity_poly.type
_entity_poly.pdbx_seq_one_letter_code
_entity_poly.pdbx_strand_id
1 'polydeoxyribonucleotide' (DA)(DG)(DC)(DA)(DT)(DA)(DA)(DA)(DT)(DA)(DA)(DT)(DA)(DA) A,C,E,G
2 'polydeoxyribonucleotide' (DT)(DT)(DA)(DT)(DT)(DA)(DT)(DT)(DT)(DA)(DT)(DG)(DC)(DT) B,D,F,H
3 'polypeptide(L)'
;IN(MSE)EEIREFAKNFKIRRLSLGLTQTQVGQA(MSE)TATEGPAYSQSAISRFEKLDITPKSAQKLKPVLEKWLNEAE
LRNQEGQQNL(MSE)EFVGGEPSKKRKRRTSFTPQAIEALNAYFEKNPLPTGQEITE(MSE)AKELNYDREVVRVWFSNR
RQTLKNT
;
I,J,K,L,M,N,O,P
#
# COMPACT_ATOMS: atom_id res chain seq x y z
N ASN I 2 42.70 -6.15 12.15
CA ASN I 2 42.56 -4.70 12.30
C ASN I 2 41.46 -4.12 11.41
N GLU I 4 40.11 -0.50 11.18
CA GLU I 4 40.50 0.72 10.49
C GLU I 4 41.31 0.30 9.28
N GLU I 5 42.16 -0.69 9.48
CA GLU I 5 42.92 -1.30 8.40
C GLU I 5 42.09 -1.51 7.14
N ILE I 6 41.06 -2.33 7.26
CA ILE I 6 40.29 -2.76 6.10
C ILE I 6 39.19 -1.79 5.69
N ARG I 7 38.72 -0.97 6.63
CA ARG I 7 37.80 0.10 6.31
C ARG I 7 38.48 1.05 5.33
N GLU I 8 39.78 1.22 5.51
CA GLU I 8 40.55 2.07 4.64
C GLU I 8 40.73 1.41 3.27
N PHE I 9 41.04 0.12 3.28
CA PHE I 9 41.29 -0.61 2.03
C PHE I 9 40.02 -0.68 1.18
N ALA I 10 38.89 -0.92 1.83
CA ALA I 10 37.62 -0.96 1.14
C ALA I 10 37.42 0.35 0.41
N LYS I 11 37.43 1.45 1.17
CA LYS I 11 37.23 2.80 0.64
C LYS I 11 38.09 3.05 -0.58
N ASN I 12 39.40 2.85 -0.42
CA ASN I 12 40.31 3.09 -1.52
C ASN I 12 40.16 2.12 -2.68
N PHE I 13 39.55 0.97 -2.43
CA PHE I 13 39.33 0.00 -3.48
C PHE I 13 38.29 0.53 -4.49
N LYS I 14 37.14 0.98 -3.98
CA LYS I 14 36.10 1.52 -4.82
C LYS I 14 36.73 2.63 -5.67
N ILE I 15 37.42 3.53 -4.98
CA ILE I 15 38.11 4.64 -5.62
C ILE I 15 39.03 4.15 -6.74
N ARG I 16 40.04 3.36 -6.38
CA ARG I 16 40.93 2.75 -7.36
C ARG I 16 40.22 2.00 -8.50
N ARG I 17 39.09 1.34 -8.20
CA ARG I 17 38.35 0.61 -9.22
C ARG I 17 37.71 1.59 -10.18
N LEU I 18 36.99 2.54 -9.61
CA LEU I 18 36.26 3.55 -10.37
C LEU I 18 37.22 4.42 -11.13
N SER I 19 38.26 4.84 -10.43
CA SER I 19 39.36 5.59 -11.01
C SER I 19 40.19 4.68 -11.90
N LEU I 20 39.51 3.90 -12.73
CA LEU I 20 40.16 2.94 -13.60
C LEU I 20 39.11 2.54 -14.62
N GLY I 21 37.86 2.94 -14.31
CA GLY I 21 36.72 2.73 -15.18
C GLY I 21 36.25 1.28 -15.25
N LEU I 22 36.31 0.60 -14.11
CA LEU I 22 35.90 -0.80 -14.04
C LEU I 22 34.66 -0.95 -13.19
N THR I 23 33.73 -1.80 -13.67
CA THR I 23 32.53 -2.12 -12.92
C THR I 23 32.79 -3.28 -11.98
N GLN I 24 32.03 -3.30 -10.89
CA GLN I 24 32.07 -4.41 -9.94
C GLN I 24 32.06 -5.72 -10.70
N THR I 25 31.11 -5.88 -11.61
CA THR I 25 30.98 -7.16 -12.29
C THR I 25 32.17 -7.51 -13.19
N GLN I 26 32.89 -6.51 -13.68
CA GLN I 26 34.12 -6.79 -14.42
C GLN I 26 35.18 -7.35 -13.48
N VAL I 27 35.38 -6.66 -12.36
CA VAL I 27 36.37 -7.04 -11.36
C VAL I 27 36.16 -8.49 -10.94
N GLY I 28 34.95 -8.78 -10.49
CA GLY I 28 34.57 -10.13 -10.13
C GLY I 28 35.05 -11.14 -11.14
N GLN I 29 34.53 -11.03 -12.36
CA GLN I 29 34.82 -12.00 -13.40
C GLN I 29 36.34 -12.17 -13.55
N ALA I 30 37.05 -11.06 -13.38
CA ALA I 30 38.50 -11.06 -13.48
C ALA I 30 39.14 -11.98 -12.45
N THR I 32 37.40 -14.39 -10.20
CA THR I 32 36.82 -15.69 -10.49
C THR I 32 36.97 -15.95 -11.98
N ALA I 33 38.17 -16.30 -12.44
CA ALA I 33 38.38 -16.31 -13.89
C ALA I 33 38.72 -17.66 -14.51
N THR I 34 38.82 -18.72 -13.70
CA THR I 34 39.01 -20.06 -14.27
C THR I 34 38.42 -21.21 -13.44
N GLU I 35 38.90 -21.38 -12.21
CA GLU I 35 38.69 -22.66 -11.53
C GLU I 35 38.23 -22.60 -10.06
N GLY I 36 37.94 -21.41 -9.55
CA GLY I 36 37.49 -21.28 -8.17
C GLY I 36 38.64 -20.91 -7.26
N PRO I 37 38.36 -20.19 -6.17
CA PRO I 37 37.03 -19.69 -5.79
C PRO I 37 36.48 -18.62 -6.75
N ALA I 38 35.20 -18.30 -6.57
CA ALA I 38 34.48 -17.43 -7.47
C ALA I 38 33.98 -16.15 -6.79
N TYR I 39 34.35 -15.00 -7.35
CA TYR I 39 33.98 -13.71 -6.76
C TYR I 39 32.95 -12.96 -7.60
N SER I 40 31.77 -12.73 -7.04
CA SER I 40 30.67 -12.16 -7.82
C SER I 40 30.57 -10.63 -7.67
N GLN I 41 29.81 -10.00 -8.56
CA GLN I 41 29.53 -8.57 -8.39
C GLN I 41 28.91 -8.34 -7.02
N SER I 42 27.98 -9.21 -6.67
CA SER I 42 27.36 -9.18 -5.34
C SER I 42 28.38 -9.21 -4.20
N ALA I 43 29.43 -9.99 -4.38
CA ALA I 43 30.46 -10.12 -3.35
C ALA I 43 31.26 -8.82 -3.25
N ILE I 44 31.69 -8.33 -4.43
CA ILE I 44 32.45 -7.08 -4.50
C ILE I 44 31.65 -5.91 -3.94
N SER I 45 30.35 -5.92 -4.22
CA SER I 45 29.48 -4.89 -3.68
C SER I 45 29.62 -4.95 -2.17
N ARG I 46 29.18 -6.09 -1.61
CA ARG I 46 29.20 -6.35 -0.17
C ARG I 46 30.53 -6.02 0.47
N PHE I 47 31.63 -6.41 -0.17
CA PHE I 47 32.94 -6.06 0.37
C PHE I 47 33.10 -4.57 0.48
N GLU I 48 33.22 -3.91 -0.68
CA GLU I 48 33.32 -2.45 -0.78
C GLU I 48 32.41 -1.73 0.21
N LYS I 49 31.21 -2.27 0.42
CA LYS I 49 30.27 -1.72 1.38
C LYS I 49 30.49 -2.16 2.84
N LEU I 50 31.54 -2.97 3.07
CA LEU I 50 31.87 -3.40 4.43
C LEU I 50 30.68 -4.11 5.06
N ASP I 51 30.02 -4.91 4.24
CA ASP I 51 28.79 -5.57 4.61
C ASP I 51 29.12 -7.03 4.84
N ILE I 52 30.28 -7.27 5.43
CA ILE I 52 30.74 -8.63 5.63
C ILE I 52 31.45 -8.89 6.96
N THR I 53 31.37 -10.13 7.41
CA THR I 53 32.15 -10.62 8.53
C THR I 53 33.57 -10.05 8.50
N PRO I 54 34.12 -9.75 9.69
CA PRO I 54 35.51 -9.29 9.75
C PRO I 54 36.47 -10.38 9.29
N LYS I 55 36.24 -11.62 9.73
CA LYS I 55 37.11 -12.72 9.34
C LYS I 55 37.16 -12.88 7.82
N SER I 56 36.00 -12.83 7.19
CA SER I 56 35.93 -13.00 5.74
C SER I 56 36.53 -11.80 5.00
N ALA I 57 36.43 -10.62 5.61
CA ALA I 57 37.08 -9.45 5.04
C ALA I 57 38.59 -9.70 4.99
N GLN I 58 39.15 -10.13 6.11
CA GLN I 58 40.58 -10.38 6.22
C GLN I 58 41.04 -11.38 5.17
N LYS I 59 40.19 -12.34 4.83
CA LYS I 59 40.56 -13.33 3.81
C LYS I 59 40.57 -12.71 2.40
N LEU I 60 39.65 -11.77 2.16
CA LEU I 60 39.54 -11.14 0.85
C LEU I 60 40.59 -10.06 0.61
N LYS I 61 40.77 -9.20 1.60
CA LYS I 61 41.68 -8.07 1.52
C LYS I 61 42.92 -8.36 0.66
N PRO I 62 43.71 -9.36 1.06
CA PRO I 62 44.94 -9.73 0.33
C PRO I 62 44.70 -10.11 -1.12
N VAL I 63 43.60 -10.80 -1.41
CA VAL I 63 43.44 -11.32 -2.76
C VAL I 63 43.02 -10.20 -3.67
N LEU I 64 42.16 -9.34 -3.15
CA LEU I 64 41.76 -8.13 -3.85
C LEU I 64 42.98 -7.24 -4.11
N GLU I 65 43.68 -6.92 -3.02
CA GLU I 65 44.85 -6.07 -3.04
C GLU I 65 45.80 -6.50 -4.14
N LYS I 66 46.12 -7.79 -4.15
CA LYS I 66 47.03 -8.33 -5.14
C LYS I 66 46.52 -8.07 -6.53
N TRP I 67 45.27 -8.44 -6.77
CA TRP I 67 44.67 -8.27 -8.10
C TRP I 67 44.64 -6.81 -8.54
N LEU I 68 44.30 -5.94 -7.61
CA LEU I 68 44.26 -4.50 -7.85
C LEU I 68 45.61 -3.97 -8.32
N ASN I 69 46.69 -4.64 -7.93
CA ASN I 69 48.01 -4.19 -8.31
C ASN I 69 48.39 -4.58 -9.72
N GLU I 70 48.23 -5.84 -10.10
CA GLU I 70 48.49 -6.24 -11.48
C GLU I 70 47.55 -5.47 -12.39
N ALA I 71 46.40 -5.08 -11.83
CA ALA I 71 45.44 -4.25 -12.54
C ALA I 71 46.09 -2.93 -12.93
N GLU I 72 46.42 -2.13 -11.92
CA GLU I 72 47.04 -0.83 -12.12
C GLU I 72 48.35 -0.91 -12.88
N LEU I 73 48.89 -2.11 -12.96
CA LEU I 73 50.14 -2.35 -13.66
C LEU I 73 49.86 -2.41 -15.17
N ARG I 74 48.94 -3.29 -15.57
CA ARG I 74 48.50 -3.39 -16.96
C ARG I 74 47.79 -2.14 -17.44
N ASN I 75 47.52 -1.23 -16.52
CA ASN I 75 46.87 0.02 -16.86
C ASN I 75 47.88 1.05 -17.34
N GLN I 76 49.00 1.14 -16.62
CA GLN I 76 50.06 2.05 -17.00
C GLN I 76 50.66 1.70 -18.36
N GLU I 77 50.62 0.42 -18.71
CA GLU I 77 51.06 -0.02 -20.03
C GLU I 77 50.04 0.44 -21.07
N GLY I 78 49.15 -0.46 -21.48
CA GLY I 78 48.09 -0.08 -22.39
C GLY I 78 46.83 0.41 -21.69
N GLN I 79 45.71 0.20 -22.35
CA GLN I 79 44.40 0.42 -21.75
C GLN I 79 43.61 -0.77 -22.27
N GLN I 80 44.15 -1.38 -23.32
CA GLN I 80 43.63 -2.65 -23.79
C GLN I 80 44.67 -3.72 -23.48
N ASN I 81 45.71 -3.31 -22.75
CA ASN I 81 46.58 -4.24 -22.07
C ASN I 81 45.89 -4.54 -20.74
N LEU I 82 45.23 -3.51 -20.21
CA LEU I 82 44.39 -3.69 -19.04
C LEU I 82 43.17 -4.53 -19.38
N GLU I 84 43.08 -6.64 -21.70
CA GLU I 84 43.60 -7.96 -21.91
C GLU I 84 43.59 -8.64 -20.56
N PHE I 85 44.03 -7.90 -19.54
CA PHE I 85 44.11 -8.38 -18.17
C PHE I 85 42.74 -8.78 -17.63
N VAL I 86 41.80 -7.84 -17.65
CA VAL I 86 40.44 -8.09 -17.21
C VAL I 86 39.80 -9.31 -17.87
N GLY I 87 40.00 -9.43 -19.19
CA GLY I 87 39.53 -10.60 -19.92
C GLY I 87 38.04 -10.57 -20.16
N GLY I 88 37.46 -11.77 -20.25
CA GLY I 88 36.02 -11.97 -20.33
C GLY I 88 35.22 -11.18 -21.36
N GLU I 89 35.07 -11.75 -22.56
CA GLU I 89 34.29 -11.14 -23.65
C GLU I 89 34.57 -9.66 -23.89
N PRO I 90 35.07 -9.33 -25.09
CA PRO I 90 35.70 -8.05 -25.45
C PRO I 90 35.22 -6.90 -24.57
N SER I 91 34.13 -6.25 -25.00
CA SER I 91 33.45 -5.20 -24.25
C SER I 91 32.64 -4.36 -25.22
N LYS I 92 31.32 -4.54 -25.15
CA LYS I 92 30.39 -3.85 -26.02
C LYS I 92 30.48 -2.35 -25.82
N LYS I 93 30.11 -1.60 -26.85
CA LYS I 93 29.96 -0.16 -26.72
C LYS I 93 28.53 0.12 -26.25
N ARG I 94 28.35 1.25 -25.56
CA ARG I 94 27.04 1.60 -25.02
C ARG I 94 25.88 1.29 -25.96
N LYS I 95 24.73 0.93 -25.41
CA LYS I 95 23.57 0.74 -26.25
C LYS I 95 22.90 2.07 -26.58
N ARG I 96 22.55 2.26 -27.84
CA ARG I 96 21.89 3.49 -28.25
C ARG I 96 20.51 3.61 -27.61
N ARG I 97 20.33 4.71 -26.91
CA ARG I 97 19.04 5.10 -26.38
C ARG I 97 17.98 4.84 -27.44
N THR I 98 17.00 3.98 -27.16
CA THR I 98 15.98 3.77 -28.18
C THR I 98 14.96 4.90 -28.16
N SER I 99 14.33 5.10 -29.31
CA SER I 99 13.27 6.07 -29.46
C SER I 99 12.05 5.28 -29.86
N PHE I 100 10.99 5.36 -29.07
CA PHE I 100 9.83 4.53 -29.31
C PHE I 100 8.89 5.19 -30.32
N THR I 101 8.32 4.40 -31.22
CA THR I 101 7.34 4.95 -32.15
C THR I 101 6.18 5.47 -31.34
N PRO I 102 5.55 6.55 -31.82
CA PRO I 102 4.36 7.12 -31.20
C PRO I 102 3.35 6.02 -30.88
N GLN I 103 3.22 5.04 -31.77
CA GLN I 103 2.24 3.99 -31.62
C GLN I 103 2.67 3.01 -30.52
N ALA I 104 3.98 2.79 -30.44
CA ALA I 104 4.52 1.86 -29.46
C ALA I 104 4.41 2.43 -28.06
N ILE I 105 4.73 3.70 -27.91
CA ILE I 105 4.71 4.31 -26.60
C ILE I 105 3.27 4.45 -26.15
N GLU I 106 2.38 4.62 -27.12
CA GLU I 106 0.94 4.62 -26.89
C GLU I 106 0.54 3.28 -26.29
N ALA I 107 0.85 2.21 -27.03
CA ALA I 107 0.57 0.84 -26.62
C ALA I 107 1.14 0.53 -25.24
N LEU I 108 2.31 1.07 -24.96
CA LEU I 108 3.02 0.72 -23.75
C LEU I 108 2.26 1.11 -22.51
N ASN I 109 1.98 2.40 -22.34
CA ASN I 109 1.29 2.80 -21.10
C ASN I 109 -0.18 2.42 -21.10
N ALA I 110 -0.67 1.97 -22.26
CA ALA I 110 -1.93 1.23 -22.29
C ALA I 110 -1.78 -0.05 -21.49
N TYR I 111 -0.89 -0.94 -21.92
CA TYR I 111 -0.62 -2.15 -21.17
C TYR I 111 -0.27 -1.80 -19.73
N PHE I 112 0.53 -0.77 -19.55
CA PHE I 112 0.92 -0.35 -18.21
C PHE I 112 -0.29 -0.09 -17.35
N GLU I 113 -1.26 0.63 -17.92
CA GLU I 113 -2.52 0.88 -17.23
C GLU I 113 -3.11 -0.39 -16.62
N LYS I 114 -3.46 -1.36 -17.47
CA LYS I 114 -3.91 -2.66 -17.01
C LYS I 114 -2.94 -3.22 -15.96
N ASN I 115 -1.81 -3.76 -16.43
CA ASN I 115 -0.85 -4.41 -15.55
C ASN I 115 0.51 -3.71 -15.50
N PRO I 116 0.73 -2.92 -14.44
CA PRO I 116 2.01 -2.24 -14.13
C PRO I 116 3.16 -3.19 -13.83
N LEU I 117 2.87 -4.49 -13.70
CA LEU I 117 3.89 -5.45 -13.32
C LEU I 117 3.72 -6.74 -14.08
N PRO I 118 4.00 -6.69 -15.39
CA PRO I 118 3.91 -7.89 -16.24
C PRO I 118 4.87 -8.96 -15.76
N THR I 119 4.56 -10.19 -16.09
CA THR I 119 5.47 -11.29 -15.85
C THR I 119 6.37 -11.39 -17.08
N GLY I 120 7.52 -12.00 -16.92
CA GLY I 120 8.45 -12.21 -18.02
C GLY I 120 7.79 -12.79 -19.26
N GLN I 121 6.73 -13.59 -19.06
CA GLN I 121 5.97 -14.14 -20.17
C GLN I 121 5.25 -13.02 -20.93
N GLU I 122 4.56 -12.16 -20.21
CA GLU I 122 3.81 -11.10 -20.87
C GLU I 122 4.75 -10.09 -21.50
N ILE I 123 5.84 -9.80 -20.79
CA ILE I 123 6.88 -8.90 -21.28
C ILE I 123 7.44 -9.41 -22.60
N THR I 124 7.43 -10.72 -22.76
CA THR I 124 7.94 -11.34 -23.97
C THR I 124 6.95 -11.22 -25.14
N GLU I 125 5.66 -11.32 -24.83
CA GLU I 125 4.64 -11.22 -25.87
C GLU I 125 4.54 -9.79 -26.38
N ALA I 127 6.82 -7.47 -26.32
CA ALA I 127 8.01 -7.24 -27.12
C ALA I 127 7.85 -7.82 -28.51
N LYS I 128 7.34 -9.05 -28.57
CA LYS I 128 7.13 -9.74 -29.83
C LYS I 128 6.26 -8.93 -30.75
N GLU I 129 5.19 -8.38 -30.20
CA GLU I 129 4.18 -7.72 -31.01
C GLU I 129 4.44 -6.24 -31.31
N LEU I 130 5.44 -5.65 -30.67
CA LEU I 130 5.78 -4.26 -30.94
C LEU I 130 7.11 -4.20 -31.70
N ASN I 131 7.71 -5.38 -31.86
CA ASN I 131 8.93 -5.52 -32.62
C ASN I 131 10.13 -4.86 -31.96
N TYR I 132 10.06 -4.72 -30.64
CA TYR I 132 11.23 -4.38 -29.84
C TYR I 132 11.65 -5.67 -29.16
N ASP I 133 12.92 -5.80 -28.81
CA ASP I 133 13.32 -7.00 -28.07
C ASP I 133 13.07 -6.86 -26.58
N ARG I 134 12.72 -7.98 -25.95
CA ARG I 134 12.08 -7.99 -24.63
C ARG I 134 12.87 -7.20 -23.59
N GLU I 135 14.20 -7.25 -23.69
CA GLU I 135 15.01 -6.50 -22.74
C GLU I 135 14.60 -5.03 -22.68
N VAL I 136 14.27 -4.47 -23.85
CA VAL I 136 13.88 -3.08 -23.99
C VAL I 136 12.52 -2.82 -23.37
N VAL I 137 11.60 -3.75 -23.61
CA VAL I 137 10.26 -3.60 -23.07
C VAL I 137 10.31 -3.80 -21.56
N ARG I 138 11.12 -4.77 -21.16
CA ARG I 138 11.30 -5.08 -19.76
C ARG I 138 11.79 -3.84 -19.02
N VAL I 139 12.88 -3.27 -19.53
CA VAL I 139 13.43 -2.05 -18.97
C VAL I 139 12.47 -0.87 -19.04
N TRP I 140 11.65 -0.82 -20.10
CA TRP I 140 10.62 0.21 -20.18
C TRP I 140 9.69 0.20 -18.97
N PHE I 141 9.20 -0.99 -18.62
CA PHE I 141 8.27 -1.08 -17.50
C PHE I 141 8.88 -0.68 -16.16
N SER I 142 10.08 -1.18 -15.88
CA SER I 142 10.75 -0.87 -14.63
C SER I 142 10.95 0.62 -14.51
N ASN I 143 11.47 1.19 -15.59
CA ASN I 143 11.66 2.63 -15.68
C ASN I 143 10.34 3.39 -15.48
N ARG I 144 9.27 2.85 -16.07
CA ARG I 144 7.93 3.43 -15.91
C ARG I 144 7.53 3.47 -14.44
N ARG I 145 7.62 2.32 -13.78
CA ARG I 145 7.23 2.21 -12.37
C ARG I 145 7.97 3.25 -11.55
N GLN I 146 9.26 3.38 -11.80
CA GLN I 146 10.12 4.22 -10.97
C GLN I 146 9.85 5.71 -11.15
N THR I 147 9.65 6.14 -12.39
CA THR I 147 9.35 7.55 -12.68
C THR I 147 8.01 7.88 -12.05
N LEU I 148 7.12 6.90 -12.06
CA LEU I 148 5.81 7.03 -11.46
C LEU I 148 5.95 7.11 -9.93
N LYS I 149 6.78 6.23 -9.36
CA LYS I 149 7.03 6.21 -7.91
C LYS I 149 7.80 7.43 -7.45
N ASN I 150 7.71 8.52 -8.21
CA ASN I 150 8.35 9.76 -7.79
C ASN I 150 7.38 10.93 -7.74
N THR I 151 6.13 10.63 -7.43
CA THR I 151 5.06 11.61 -7.46
C THR I 151 3.77 11.05 -6.86
N ILE J 1 39.49 30.15 -23.28
CA ILE J 1 39.88 28.89 -23.88
C ILE J 1 41.20 28.34 -23.34
N ASN J 2 41.23 28.02 -22.05
CA ASN J 2 42.33 27.24 -21.50
C ASN J 2 42.01 25.76 -21.71
N GLU J 4 43.33 22.81 -22.75
CA GLU J 4 44.13 21.77 -22.13
C GLU J 4 43.89 21.81 -20.63
N GLU J 5 43.87 23.04 -20.10
CA GLU J 5 43.66 23.30 -18.69
C GLU J 5 42.30 22.78 -18.23
N ILE J 6 41.29 22.98 -19.08
CA ILE J 6 39.95 22.53 -18.79
C ILE J 6 39.87 21.01 -18.81
N ARG J 7 40.30 20.40 -19.91
CA ARG J 7 40.29 18.95 -20.03
C ARG J 7 40.94 18.38 -18.78
N GLU J 8 42.11 18.92 -18.44
CA GLU J 8 42.81 18.50 -17.24
C GLU J 8 41.96 18.63 -15.99
N PHE J 9 41.32 19.78 -15.83
CA PHE J 9 40.49 20.00 -14.66
C PHE J 9 39.40 18.95 -14.57
N ALA J 10 38.83 18.62 -15.73
CA ALA J 10 37.76 17.63 -15.79
C ALA J 10 38.26 16.27 -15.35
N LYS J 11 39.47 15.92 -15.79
CA LYS J 11 40.15 14.73 -15.33
C LYS J 11 40.14 14.72 -13.81
N ASN J 12 40.61 15.81 -13.22
CA ASN J 12 40.82 15.91 -11.78
C ASN J 12 39.53 16.07 -11.00
N PHE J 13 38.51 16.61 -11.66
CA PHE J 13 37.25 16.79 -10.96
C PHE J 13 36.72 15.43 -10.58
N LYS J 14 36.66 14.54 -11.57
CA LYS J 14 36.13 13.19 -11.36
C LYS J 14 36.90 12.47 -10.25
N ILE J 15 38.21 12.34 -10.44
CA ILE J 15 39.12 11.83 -9.42
C ILE J 15 38.70 12.32 -8.04
N ARG J 16 38.45 13.62 -7.92
CA ARG J 16 38.21 14.22 -6.62
C ARG J 16 36.81 13.98 -6.07
N ARG J 17 35.81 14.05 -6.95
CA ARG J 17 34.45 13.73 -6.56
C ARG J 17 34.37 12.28 -6.06
N LEU J 18 35.08 11.40 -6.76
CA LEU J 18 35.12 9.98 -6.40
C LEU J 18 35.86 9.81 -5.09
N SER J 19 36.96 10.54 -4.93
CA SER J 19 37.71 10.48 -3.69
C SER J 19 36.82 10.87 -2.50
N LEU J 20 35.91 11.80 -2.72
CA LEU J 20 35.00 12.17 -1.67
C LEU J 20 33.83 11.19 -1.67
N GLY J 21 34.01 10.08 -2.37
CA GLY J 21 32.97 9.09 -2.55
C GLY J 21 31.59 9.66 -2.86
N LEU J 22 31.52 10.59 -3.81
CA LEU J 22 30.25 11.23 -4.13
C LEU J 22 29.77 10.86 -5.53
N THR J 23 28.51 10.44 -5.63
CA THR J 23 27.89 10.29 -6.94
C THR J 23 27.81 11.66 -7.61
N GLN J 24 27.71 11.63 -8.94
CA GLN J 24 27.31 12.83 -9.66
C GLN J 24 25.98 13.33 -9.12
N THR J 25 25.10 12.42 -8.74
CA THR J 25 23.76 12.85 -8.34
C THR J 25 23.85 13.60 -7.03
N GLN J 26 24.84 13.24 -6.21
CA GLN J 26 25.07 13.90 -4.92
C GLN J 26 25.57 15.33 -5.16
N VAL J 27 26.52 15.47 -6.06
CA VAL J 27 27.05 16.77 -6.38
C VAL J 27 25.99 17.66 -7.05
N GLY J 28 25.23 17.11 -7.98
CA GLY J 28 24.21 17.90 -8.63
C GLY J 28 23.18 18.30 -7.58
N GLN J 29 22.89 17.35 -6.69
CA GLN J 29 21.98 17.57 -5.58
C GLN J 29 22.35 18.84 -4.82
N ALA J 30 23.65 19.00 -4.58
CA ALA J 30 24.16 20.10 -3.81
C ALA J 30 24.25 21.37 -4.66
N THR J 32 23.08 22.53 -7.47
CA THR J 32 21.89 23.20 -7.97
C THR J 32 21.23 24.05 -6.88
N ALA J 33 21.28 23.59 -5.65
CA ALA J 33 20.62 24.30 -4.55
C ALA J 33 21.43 25.50 -4.04
N THR J 34 22.59 25.73 -4.65
CA THR J 34 23.55 26.71 -4.16
C THR J 34 24.14 27.49 -5.32
N GLU J 35 23.81 27.06 -6.54
CA GLU J 35 24.42 27.62 -7.75
C GLU J 35 23.50 27.61 -8.97
N GLY J 36 22.27 27.12 -8.81
CA GLY J 36 21.32 27.12 -9.92
C GLY J 36 21.25 25.83 -10.71
N PRO J 37 20.23 25.71 -11.57
CA PRO J 37 19.96 24.47 -12.31
C PRO J 37 21.01 24.24 -13.39
N ALA J 38 22.01 25.10 -13.43
CA ALA J 38 23.13 24.92 -14.35
C ALA J 38 23.97 23.75 -13.86
N TYR J 39 23.74 23.36 -12.60
CA TYR J 39 24.62 22.44 -11.90
C TYR J 39 23.97 21.12 -11.52
N SER J 40 23.14 20.61 -12.43
CA SER J 40 22.43 19.35 -12.25
C SER J 40 23.34 18.12 -12.40
N GLN J 41 22.80 16.96 -12.00
CA GLN J 41 23.51 15.70 -12.18
C GLN J 41 23.96 15.50 -13.62
N SER J 42 23.04 15.69 -14.57
CA SER J 42 23.40 15.37 -15.96
C SER J 42 24.32 16.42 -16.57
N ALA J 43 24.31 17.63 -16.02
CA ALA J 43 25.29 18.63 -16.44
C ALA J 43 26.67 18.16 -15.99
N ILE J 44 26.74 17.71 -14.73
CA ILE J 44 27.99 17.19 -14.19
C ILE J 44 28.51 16.07 -15.08
N SER J 45 27.61 15.17 -15.46
CA SER J 45 27.94 14.04 -16.32
C SER J 45 28.52 14.49 -17.67
N ARG J 46 27.94 15.53 -18.24
CA ARG J 46 28.44 16.03 -19.51
C ARG J 46 29.73 16.83 -19.33
N PHE J 47 29.81 17.56 -18.23
CA PHE J 47 31.05 18.27 -17.95
C PHE J 47 32.17 17.24 -17.84
N GLU J 48 31.94 16.20 -17.06
CA GLU J 48 32.95 15.20 -16.84
C GLU J 48 33.38 14.47 -18.11
N LYS J 49 32.48 14.36 -19.09
CA LYS J 49 32.82 13.72 -20.38
C LYS J 49 33.38 14.72 -21.39
N LEU J 50 33.45 15.99 -21.02
CA LEU J 50 33.77 17.05 -21.97
C LEU J 50 32.77 17.07 -23.14
N ASP J 51 31.51 16.80 -22.82
CA ASP J 51 30.43 16.93 -23.77
C ASP J 51 29.75 18.28 -23.60
N ILE J 52 30.53 19.35 -23.66
CA ILE J 52 29.96 20.70 -23.68
C ILE J 52 30.70 21.69 -24.58
N THR J 53 30.15 22.89 -24.69
CA THR J 53 30.80 23.95 -25.43
C THR J 53 31.79 24.60 -24.53
N PRO J 54 32.90 25.09 -25.11
CA PRO J 54 33.98 25.69 -24.34
C PRO J 54 33.44 26.78 -23.44
N LYS J 55 32.55 27.60 -23.98
CA LYS J 55 32.03 28.72 -23.19
C LYS J 55 31.39 28.15 -21.93
N SER J 56 30.58 27.11 -22.08
CA SER J 56 29.95 26.47 -20.92
C SER J 56 30.96 25.93 -19.92
N ALA J 57 31.92 25.16 -20.42
CA ALA J 57 32.93 24.56 -19.56
C ALA J 57 33.73 25.63 -18.82
N GLN J 58 34.10 26.67 -19.55
CA GLN J 58 34.82 27.81 -18.99
C GLN J 58 34.05 28.44 -17.85
N LYS J 59 32.75 28.62 -18.06
CA LYS J 59 31.92 29.22 -17.03
C LYS J 59 31.86 28.33 -15.78
N LEU J 60 31.76 27.02 -16.01
CA LEU J 60 31.58 26.06 -14.93
C LEU J 60 32.83 25.85 -14.09
N LYS J 61 33.95 25.61 -14.78
CA LYS J 61 35.21 25.25 -14.13
C LYS J 61 35.47 25.95 -12.80
N PRO J 62 35.32 27.29 -12.76
CA PRO J 62 35.69 28.01 -11.53
C PRO J 62 34.73 27.68 -10.40
N VAL J 63 33.44 27.62 -10.73
CA VAL J 63 32.42 27.35 -9.74
C VAL J 63 32.55 25.93 -9.20
N LEU J 64 32.79 24.97 -10.09
CA LEU J 64 32.97 23.59 -9.66
C LEU J 64 34.11 23.51 -8.66
N GLU J 65 35.22 24.17 -8.98
CA GLU J 65 36.38 24.18 -8.11
C GLU J 65 36.08 24.70 -6.71
N LYS J 66 35.38 25.83 -6.60
CA LYS J 66 35.08 26.40 -5.29
C LYS J 66 34.39 25.36 -4.42
N TRP J 67 33.31 24.80 -4.96
CA TRP J 67 32.50 23.84 -4.22
C TRP J 67 33.28 22.58 -3.86
N LEU J 68 34.21 22.20 -4.73
CA LEU J 68 35.00 21.01 -4.50
C LEU J 68 35.88 21.22 -3.28
N ASN J 69 36.62 22.31 -3.29
CA ASN J 69 37.45 22.67 -2.14
C ASN J 69 36.62 22.81 -0.87
N GLU J 70 35.46 23.43 -1.01
CA GLU J 70 34.48 23.53 0.06
C GLU J 70 34.19 22.14 0.61
N ALA J 71 34.08 21.17 -0.29
CA ALA J 71 33.65 19.82 0.06
C ALA J 71 34.79 18.99 0.62
N GLU J 72 36.00 19.28 0.18
CA GLU J 72 37.18 18.60 0.74
C GLU J 72 37.44 19.10 2.16
N LEU J 73 37.07 20.34 2.41
CA LEU J 73 37.15 20.92 3.75
C LEU J 73 36.20 20.21 4.71
N ARG J 74 34.93 20.16 4.35
CA ARG J 74 33.93 19.46 5.15
C ARG J 74 34.28 17.99 5.28
N ASN J 75 35.15 17.53 4.40
CA ASN J 75 35.58 16.14 4.39
C ASN J 75 36.64 15.87 5.45
N GLN J 76 37.73 16.63 5.42
CA GLN J 76 38.76 16.55 6.45
C GLN J 76 38.11 16.80 7.81
N GLU J 77 37.10 17.66 7.82
CA GLU J 77 36.31 17.99 8.99
C GLU J 77 35.67 16.73 9.62
N GLY J 78 35.65 15.65 8.87
CA GLY J 78 34.96 14.44 9.30
C GLY J 78 33.89 14.06 8.30
N GLN J 79 33.83 12.78 7.95
CA GLN J 79 32.93 12.30 6.89
C GLN J 79 31.45 12.59 7.17
N GLN J 80 31.09 12.68 8.44
CA GLN J 80 29.71 13.01 8.80
C GLN J 80 29.40 14.46 8.38
N ASN J 81 30.42 15.32 8.48
CA ASN J 81 30.30 16.74 8.11
C ASN J 81 30.06 16.92 6.62
N LEU J 82 30.79 16.14 5.82
CA LEU J 82 30.64 16.18 4.37
C LEU J 82 29.20 15.86 3.99
N GLU J 84 26.52 16.35 5.69
CA GLU J 84 25.65 17.47 6.05
C GLU J 84 25.81 18.61 5.04
N PHE J 85 27.04 18.76 4.54
CA PHE J 85 27.37 19.74 3.51
C PHE J 85 26.63 19.44 2.22
N VAL J 86 26.09 18.23 2.11
CA VAL J 86 25.40 17.78 0.92
C VAL J 86 23.93 17.48 1.20
N ASN K 2 8.59 -0.28 12.59
CA ASN K 2 8.13 -0.79 13.88
C ASN K 2 9.04 -1.91 14.39
N GLU K 4 10.39 -3.19 17.97
CA GLU K 4 10.18 -4.19 19.02
C GLU K 4 9.04 -5.11 18.61
N GLU K 5 8.09 -4.56 17.87
CA GLU K 5 7.00 -5.32 17.29
C GLU K 5 7.50 -6.51 16.47
N ILE K 6 8.72 -6.39 15.96
CA ILE K 6 9.31 -7.47 15.18
C ILE K 6 10.58 -8.01 15.85
N ARG K 7 11.07 -7.31 16.85
CA ARG K 7 12.24 -7.77 17.59
C ARG K 7 11.84 -8.78 18.67
N GLU K 8 10.60 -8.67 19.14
CA GLU K 8 10.12 -9.56 20.16
C GLU K 8 9.46 -10.79 19.54
N PHE K 9 8.87 -10.60 18.35
CA PHE K 9 8.35 -11.73 17.60
C PHE K 9 9.53 -12.56 17.15
N ALA K 10 10.67 -11.89 17.01
CA ALA K 10 11.91 -12.60 16.76
C ALA K 10 12.17 -13.55 17.91
N LYS K 11 12.58 -12.97 19.04
CA LYS K 11 12.88 -13.74 20.26
C LYS K 11 11.88 -14.86 20.53
N ASN K 12 10.60 -14.50 20.61
CA ASN K 12 9.56 -15.46 20.95
C ASN K 12 9.35 -16.53 19.90
N PHE K 13 9.46 -16.17 18.63
CA PHE K 13 9.28 -17.15 17.56
C PHE K 13 10.24 -18.32 17.71
N LYS K 14 11.51 -18.00 17.95
CA LYS K 14 12.53 -19.03 18.11
C LYS K 14 12.10 -20.03 19.17
N ILE K 15 11.80 -19.52 20.36
CA ILE K 15 11.46 -20.35 21.52
C ILE K 15 10.14 -21.12 21.34
N ARG K 16 9.19 -20.53 20.62
CA ARG K 16 7.95 -21.26 20.30
C ARG K 16 8.28 -22.44 19.39
N ARG K 17 9.28 -22.25 18.55
CA ARG K 17 9.69 -23.25 17.56
C ARG K 17 10.51 -24.33 18.24
N LEU K 18 11.34 -23.89 19.17
CA LEU K 18 12.10 -24.77 20.04
C LEU K 18 11.14 -25.56 20.92
N SER K 19 10.27 -24.85 21.62
CA SER K 19 9.28 -25.46 22.49
C SER K 19 8.15 -26.10 21.70
N LEU K 20 8.50 -26.61 20.52
CA LEU K 20 7.62 -27.47 19.74
C LEU K 20 8.48 -28.55 19.12
N GLY K 21 9.71 -28.67 19.62
CA GLY K 21 10.66 -29.65 19.10
C GLY K 21 10.75 -29.58 17.59
N LEU K 22 11.17 -28.40 17.10
CA LEU K 22 11.21 -28.16 15.66
C LEU K 22 12.51 -27.51 15.17
N THR K 23 13.04 -28.05 14.07
CA THR K 23 14.22 -27.47 13.45
C THR K 23 13.83 -26.28 12.55
N GLN K 24 14.69 -25.26 12.51
CA GLN K 24 14.55 -24.17 11.55
C GLN K 24 14.36 -24.83 10.21
N THR K 25 15.11 -25.89 10.01
CA THR K 25 15.15 -26.51 8.70
C THR K 25 13.88 -27.31 8.44
N GLN K 26 13.01 -27.40 9.43
CA GLN K 26 11.69 -27.97 9.22
C GLN K 26 10.72 -26.87 8.88
N VAL K 27 10.69 -25.84 9.72
CA VAL K 27 9.87 -24.66 9.50
C VAL K 27 9.86 -24.29 8.03
N GLY K 28 10.97 -23.74 7.55
CA GLY K 28 11.08 -23.30 6.17
C GLY K 28 10.76 -24.41 5.18
N GLN K 29 11.18 -25.62 5.50
CA GLN K 29 10.98 -26.75 4.61
C GLN K 29 9.51 -27.08 4.39
N ALA K 30 8.71 -26.93 5.45
CA ALA K 30 7.28 -27.19 5.38
C ALA K 30 6.56 -25.95 4.87
N THR K 32 7.51 -23.67 3.16
CA THR K 32 7.86 -23.34 1.79
C THR K 32 6.62 -23.53 0.92
N ALA K 33 6.42 -22.60 -0.01
CA ALA K 33 5.14 -22.42 -0.72
C ALA K 33 4.39 -23.68 -1.21
N THR K 34 5.00 -24.52 -2.04
CA THR K 34 6.40 -24.38 -2.46
C THR K 34 6.50 -23.79 -3.87
N GLU K 35 5.36 -23.40 -4.45
CA GLU K 35 5.36 -22.71 -5.74
C GLU K 35 5.63 -21.21 -5.57
N GLY K 36 6.64 -20.88 -4.78
CA GLY K 36 7.01 -19.50 -4.52
C GLY K 36 6.07 -18.84 -3.52
N PRO K 37 6.63 -18.22 -2.47
CA PRO K 37 8.07 -18.15 -2.23
C PRO K 37 8.55 -19.36 -1.44
N ALA K 38 9.75 -19.84 -1.76
CA ALA K 38 10.37 -20.88 -0.98
C ALA K 38 10.88 -20.25 0.32
N TYR K 39 11.05 -21.08 1.35
CA TYR K 39 11.63 -20.60 2.59
C TYR K 39 12.71 -21.56 3.09
N SER K 40 13.96 -21.14 2.99
CA SER K 40 15.07 -21.99 3.38
C SER K 40 15.37 -21.88 4.88
N GLN K 41 16.17 -22.83 5.37
CA GLN K 41 16.59 -22.82 6.77
C GLN K 41 17.32 -21.51 7.10
N SER K 42 18.23 -21.13 6.21
CA SER K 42 19.05 -19.94 6.37
C SER K 42 18.21 -18.71 6.61
N ALA K 43 17.13 -18.60 5.83
CA ALA K 43 16.10 -17.58 6.06
C ALA K 43 15.70 -17.59 7.54
N ILE K 44 15.14 -18.71 7.98
CA ILE K 44 14.68 -18.87 9.36
C ILE K 44 15.75 -18.46 10.36
N SER K 45 16.95 -18.99 10.18
CA SER K 45 18.07 -18.60 11.01
C SER K 45 18.23 -17.07 11.06
N ARG K 46 18.53 -16.47 9.91
CA ARG K 46 18.73 -15.01 9.77
C ARG K 46 17.59 -14.26 10.43
N PHE K 47 16.36 -14.67 10.11
CA PHE K 47 15.19 -14.04 10.69
C PHE K 47 15.30 -13.98 12.20
N GLU K 48 15.38 -15.16 12.80
CA GLU K 48 15.47 -15.32 14.24
C GLU K 48 16.52 -14.40 14.82
N LYS K 49 17.74 -14.51 14.28
CA LYS K 49 18.88 -13.75 14.78
C LYS K 49 18.80 -12.27 14.41
N LEU K 50 17.77 -11.92 13.62
CA LEU K 50 17.57 -10.55 13.15
C LEU K 50 18.70 -10.10 12.22
N ASP K 51 18.95 -10.86 11.17
CA ASP K 51 19.92 -10.48 10.16
C ASP K 51 19.20 -10.31 8.83
N ILE K 52 18.33 -9.31 8.79
CA ILE K 52 17.65 -8.91 7.59
C ILE K 52 17.30 -7.43 7.72
N THR K 53 17.07 -6.78 6.58
CA THR K 53 16.63 -5.39 6.58
C THR K 53 15.30 -5.34 7.28
N PRO K 54 15.11 -4.33 8.13
CA PRO K 54 13.80 -4.14 8.76
C PRO K 54 12.71 -4.17 7.69
N LYS K 55 13.03 -3.69 6.49
CA LYS K 55 12.08 -3.62 5.38
C LYS K 55 11.62 -4.99 4.91
N SER K 56 12.50 -5.98 4.96
CA SER K 56 12.13 -7.36 4.61
C SER K 56 11.78 -8.16 5.87
N ALA K 57 12.23 -7.67 7.02
CA ALA K 57 11.81 -8.22 8.30
C ALA K 57 10.28 -8.10 8.39
N GLN K 58 9.81 -6.87 8.23
CA GLN K 58 8.39 -6.55 8.28
C GLN K 58 7.57 -7.35 7.26
N LYS K 59 8.21 -7.71 6.16
CA LYS K 59 7.54 -8.49 5.11
C LYS K 59 7.32 -9.94 5.55
N LEU K 60 8.36 -10.53 6.14
CA LEU K 60 8.31 -11.94 6.52
C LEU K 60 7.43 -12.15 7.75
N LYS K 61 7.63 -11.27 8.74
CA LYS K 61 6.98 -11.38 10.06
C LYS K 61 5.53 -11.88 10.00
N PRO K 62 4.72 -11.32 9.09
CA PRO K 62 3.31 -11.71 8.94
C PRO K 62 3.12 -13.18 8.56
N VAL K 63 3.71 -13.59 7.44
CA VAL K 63 3.55 -14.96 6.95
C VAL K 63 4.07 -15.97 7.97
N LEU K 64 4.94 -15.50 8.86
CA LEU K 64 5.41 -16.36 9.95
C LEU K 64 4.27 -16.70 10.89
N GLU K 65 3.73 -15.69 11.55
CA GLU K 65 2.58 -15.88 12.44
C GLU K 65 1.44 -16.66 11.79
N LYS K 66 1.21 -16.44 10.51
CA LYS K 66 0.17 -17.15 9.79
C LYS K 66 0.55 -18.62 9.56
N TRP K 67 1.46 -19.10 10.40
CA TRP K 67 1.94 -20.48 10.32
C TRP K 67 2.30 -20.97 11.71
N LEU K 68 3.05 -20.14 12.44
CA LEU K 68 3.41 -20.40 13.82
C LEU K 68 2.18 -20.61 14.69
N ASN K 69 1.32 -19.59 14.74
CA ASN K 69 0.05 -19.71 15.43
C ASN K 69 -0.79 -20.81 14.80
N GLU K 70 -0.90 -20.75 13.48
CA GLU K 70 -1.66 -21.73 12.70
C GLU K 70 -1.30 -23.18 13.00
N ALA K 71 -0.07 -23.42 13.45
CA ALA K 71 0.40 -24.77 13.72
C ALA K 71 0.52 -25.07 15.20
N GLU K 72 0.60 -24.03 16.01
CA GLU K 72 0.64 -24.20 17.47
C GLU K 72 -0.65 -24.85 17.96
N LEU K 73 -1.77 -24.42 17.40
CA LEU K 73 -3.06 -25.01 17.75
C LEU K 73 -3.35 -26.18 16.81
N ARG K 74 -3.41 -25.89 15.50
CA ARG K 74 -3.78 -26.89 14.50
C ARG K 74 -2.66 -27.90 14.24
N ASN K 75 -1.76 -28.02 15.19
CA ASN K 75 -0.77 -29.08 15.18
C ASN K 75 -0.84 -29.78 16.54
N GLN K 76 -0.86 -28.97 17.59
CA GLN K 76 -0.93 -29.48 18.96
C GLN K 76 -2.37 -29.69 19.42
N GLU K 77 -2.85 -30.91 19.20
CA GLU K 77 -4.21 -31.33 19.56
C GLU K 77 -4.38 -32.76 19.05
N GLY K 78 -3.24 -33.43 18.87
CA GLY K 78 -3.15 -34.71 18.21
C GLY K 78 -1.90 -34.65 17.35
N GLN K 79 -0.74 -34.82 18.00
CA GLN K 79 0.55 -34.51 17.39
C GLN K 79 0.93 -35.38 16.20
N GLN K 80 0.21 -36.50 16.01
CA GLN K 80 0.39 -37.30 14.80
C GLN K 80 -0.08 -36.46 13.61
N ASN K 81 -0.76 -35.36 13.92
CA ASN K 81 -1.24 -34.41 12.92
C ASN K 81 -0.39 -33.14 12.89
N LEU K 82 0.14 -32.74 14.03
CA LEU K 82 1.11 -31.64 14.10
C LEU K 82 2.25 -31.93 13.14
N GLU K 84 2.09 -33.47 10.58
CA GLU K 84 1.61 -33.46 9.21
C GLU K 84 1.32 -32.03 8.76
N PHE K 85 1.34 -31.11 9.72
CA PHE K 85 1.39 -29.68 9.43
C PHE K 85 2.72 -29.41 8.75
N VAL K 86 3.73 -30.21 9.13
CA VAL K 86 5.07 -30.13 8.55
C VAL K 86 5.18 -31.00 7.30
N GLY K 87 4.74 -32.26 7.41
CA GLY K 87 4.70 -33.15 6.27
C GLY K 87 6.06 -33.34 5.61
N GLY K 88 6.06 -34.08 4.50
CA GLY K 88 7.30 -34.41 3.82
C GLY K 88 7.91 -35.70 4.34
N GLU K 89 7.06 -36.63 4.79
CA GLU K 89 7.48 -37.91 5.35
C GLU K 89 8.64 -37.75 6.34
N PRO K 90 8.46 -36.87 7.33
CA PRO K 90 9.57 -36.43 8.19
C PRO K 90 10.08 -37.50 9.17
N SER K 91 9.22 -37.92 10.10
CA SER K 91 9.63 -38.75 11.23
C SER K 91 10.54 -39.95 10.89
N LYS K 92 11.83 -39.78 11.13
CA LYS K 92 12.81 -40.87 10.99
C LYS K 92 13.71 -40.91 12.22
N LYS K 93 14.21 -42.09 12.54
CA LYS K 93 15.02 -42.28 13.74
C LYS K 93 16.47 -41.87 13.52
N ARG K 94 17.05 -41.22 14.54
CA ARG K 94 18.42 -40.72 14.49
C ARG K 94 19.43 -41.74 13.93
N LYS K 95 20.44 -41.26 13.22
CA LYS K 95 21.54 -42.13 12.77
C LYS K 95 22.33 -42.69 13.95
N ARG K 96 22.58 -43.99 13.93
CA ARG K 96 23.36 -44.63 14.97
C ARG K 96 24.81 -44.15 14.96
N ARG K 97 25.32 -43.85 16.16
CA ARG K 97 26.67 -43.32 16.32
C ARG K 97 27.72 -44.35 15.92
N THR K 98 28.34 -44.15 14.75
CA THR K 98 29.38 -45.07 14.30
C THR K 98 30.56 -45.19 15.26
N SER K 99 31.04 -46.41 15.43
CA SER K 99 32.25 -46.71 16.18
C SER K 99 33.27 -47.26 15.19
N PHE K 100 34.38 -46.54 15.01
CA PHE K 100 35.38 -46.93 14.03
C PHE K 100 36.40 -47.91 14.59
N THR K 101 36.72 -48.94 13.81
CA THR K 101 37.79 -49.86 14.14
C THR K 101 39.09 -49.08 14.20
N PRO K 102 39.95 -49.41 15.17
CA PRO K 102 41.19 -48.64 15.33
C PRO K 102 42.07 -48.75 14.09
N GLN K 103 41.94 -49.86 13.36
CA GLN K 103 42.61 -50.01 12.08
C GLN K 103 42.26 -48.80 11.19
N ALA K 104 40.95 -48.56 11.07
CA ALA K 104 40.43 -47.44 10.29
C ALA K 104 40.64 -46.12 11.01
N ILE K 105 40.88 -46.18 12.31
CA ILE K 105 41.07 -44.96 13.08
C ILE K 105 42.38 -44.30 12.70
N GLU K 106 43.42 -45.10 12.48
CA GLU K 106 44.71 -44.58 12.05
C GLU K 106 44.66 -44.22 10.57
N ALA K 107 44.01 -45.05 9.78
CA ALA K 107 43.83 -44.79 8.36
C ALA K 107 43.46 -43.34 8.15
N LEU K 108 42.49 -42.87 8.93
CA LEU K 108 42.00 -41.51 8.81
C LEU K 108 43.09 -40.48 9.10
N ASN K 109 43.38 -40.27 10.38
CA ASN K 109 44.33 -39.24 10.80
C ASN K 109 45.74 -39.40 10.22
N ALA K 110 46.03 -40.56 9.66
CA ALA K 110 47.19 -40.71 8.79
C ALA K 110 46.97 -39.82 7.58
N TYR K 111 45.97 -40.19 6.78
CA TYR K 111 45.57 -39.41 5.62
C TYR K 111 45.13 -38.01 6.01
N PHE K 112 44.95 -37.78 7.31
CA PHE K 112 44.53 -36.49 7.81
C PHE K 112 45.72 -35.58 8.10
N GLU K 113 46.73 -36.13 8.78
CA GLU K 113 47.99 -35.42 8.98
C GLU K 113 48.53 -35.04 7.61
N LYS K 114 48.30 -35.94 6.65
CA LYS K 114 48.68 -35.71 5.26
C LYS K 114 47.82 -34.62 4.63
N ASN K 115 46.59 -34.97 4.28
CA ASN K 115 45.68 -34.03 3.63
C ASN K 115 44.52 -33.62 4.54
N PRO K 116 44.63 -32.46 5.19
CA PRO K 116 43.62 -31.87 6.08
C PRO K 116 42.23 -31.68 5.45
N LEU K 117 42.09 -30.82 4.45
CA LEU K 117 40.77 -30.58 3.84
C LEU K 117 40.67 -31.10 2.40
N PRO K 118 40.40 -32.40 2.25
CA PRO K 118 40.31 -33.11 0.96
C PRO K 118 39.17 -32.61 0.07
N THR K 119 38.95 -33.31 -1.04
CA THR K 119 37.89 -32.98 -1.98
C THR K 119 36.83 -34.06 -1.96
N GLY K 120 35.60 -33.70 -2.30
CA GLY K 120 34.50 -34.65 -2.35
C GLY K 120 34.84 -35.86 -3.21
N GLN K 121 35.71 -35.65 -4.19
CA GLN K 121 36.13 -36.72 -5.08
C GLN K 121 37.10 -37.70 -4.39
N GLU K 122 38.12 -37.16 -3.71
CA GLU K 122 39.10 -38.00 -3.05
C GLU K 122 38.58 -38.54 -1.72
N ILE K 123 37.59 -37.85 -1.16
CA ILE K 123 36.94 -38.28 0.08
C ILE K 123 36.17 -39.59 -0.13
N THR K 124 35.31 -39.61 -1.14
CA THR K 124 34.53 -40.80 -1.47
C THR K 124 35.44 -41.93 -1.93
N GLU K 125 36.66 -41.59 -2.32
CA GLU K 125 37.66 -42.58 -2.66
C GLU K 125 38.12 -43.28 -1.39
N ALA K 127 36.54 -43.32 1.48
CA ALA K 127 35.38 -44.01 2.01
C ALA K 127 35.15 -45.37 1.35
N LYS K 128 35.26 -45.39 0.02
CA LYS K 128 35.03 -46.60 -0.76
C LYS K 128 35.89 -47.77 -0.28
N GLU K 129 37.20 -47.62 -0.39
CA GLU K 129 38.13 -48.67 0.00
C GLU K 129 38.06 -48.96 1.50
N LEU K 130 37.53 -48.01 2.27
CA LEU K 130 37.48 -48.14 3.73
C LEU K 130 36.22 -48.79 4.29
N ASN K 131 35.31 -49.20 3.42
CA ASN K 131 34.12 -49.94 3.85
C ASN K 131 33.20 -49.11 4.76
N TYR K 132 33.45 -47.80 4.80
CA TYR K 132 32.59 -46.87 5.55
C TYR K 132 31.89 -45.92 4.58
N ASP K 133 30.65 -45.52 4.89
CA ASP K 133 29.87 -44.69 3.97
C ASP K 133 30.34 -43.23 3.92
N ARG K 134 30.43 -42.69 2.71
CA ARG K 134 31.00 -41.38 2.44
C ARG K 134 30.63 -40.27 3.43
N GLU K 135 29.34 -40.12 3.73
CA GLU K 135 28.88 -39.04 4.60
C GLU K 135 29.56 -39.10 5.98
N VAL K 136 29.49 -40.27 6.61
CA VAL K 136 30.23 -40.57 7.83
C VAL K 136 31.69 -40.10 7.75
N VAL K 137 32.34 -40.40 6.62
CA VAL K 137 33.75 -40.09 6.40
C VAL K 137 34.00 -38.61 6.14
N ARG K 138 33.11 -38.01 5.35
CA ARG K 138 33.11 -36.56 5.16
C ARG K 138 33.16 -35.88 6.52
N VAL K 139 32.32 -36.37 7.43
CA VAL K 139 32.15 -35.75 8.74
C VAL K 139 33.31 -35.97 9.71
N TRP K 140 33.99 -37.11 9.60
CA TRP K 140 35.17 -37.33 10.44
C TRP K 140 36.20 -36.24 10.20
N PHE K 141 36.40 -35.90 8.93
CA PHE K 141 37.31 -34.81 8.60
C PHE K 141 36.71 -33.51 9.08
N SER K 142 35.47 -33.25 8.68
CA SER K 142 34.74 -32.08 9.14
C SER K 142 34.98 -31.86 10.62
N ASN K 143 34.70 -32.89 11.42
CA ASN K 143 34.86 -32.84 12.86
C ASN K 143 36.33 -32.66 13.27
N ARG K 144 37.18 -33.62 12.94
CA ARG K 144 38.59 -33.55 13.29
C ARG K 144 39.21 -32.22 12.86
N ARG K 145 38.78 -31.70 11.71
CA ARG K 145 39.21 -30.38 11.25
C ARG K 145 38.77 -29.29 12.23
N GLN K 146 37.48 -29.28 12.56
CA GLN K 146 36.93 -28.26 13.43
C GLN K 146 37.13 -28.54 14.93
N THR K 147 37.99 -29.50 15.27
CA THR K 147 38.28 -29.83 16.67
C THR K 147 39.68 -29.44 17.12
N LEU K 148 40.65 -29.57 16.20
CA LEU K 148 42.04 -29.38 16.55
C LEU K 148 42.42 -27.93 16.77
N LYS K 149 41.45 -27.04 16.55
CA LYS K 149 41.63 -25.62 16.89
C LYS K 149 41.83 -25.45 18.40
N ASN K 150 41.14 -26.30 19.16
CA ASN K 150 41.23 -26.32 20.63
C ASN K 150 42.64 -26.61 21.13
N THR K 151 43.13 -27.81 20.79
CA THR K 151 44.45 -28.26 21.21
C THR K 151 45.56 -27.58 20.43
N ASN L 2 9.36 -42.26 43.02
CA ASN L 2 8.40 -41.20 42.67
C ASN L 2 8.63 -40.68 41.25
N GLU L 4 6.62 -40.13 37.58
CA GLU L 4 6.12 -39.17 36.61
C GLU L 4 6.28 -37.75 37.12
N GLU L 5 6.40 -37.61 38.43
CA GLU L 5 6.82 -36.35 39.01
C GLU L 5 8.04 -35.88 38.23
N ILE L 6 9.13 -36.63 38.40
CA ILE L 6 10.38 -36.36 37.71
C ILE L 6 10.25 -36.05 36.20
N ARG L 7 9.62 -36.94 35.44
CA ARG L 7 9.54 -36.72 33.99
C ARG L 7 9.04 -35.31 33.67
N GLU L 8 8.05 -34.84 34.43
CA GLU L 8 7.53 -33.49 34.24
C GLU L 8 8.60 -32.44 34.50
N PHE L 9 9.38 -32.63 35.55
CA PHE L 9 10.46 -31.68 35.84
C PHE L 9 11.43 -31.61 34.66
N ALA L 10 11.92 -32.75 34.22
CA ALA L 10 12.77 -32.84 33.04
C ALA L 10 12.18 -32.04 31.89
N LYS L 11 10.88 -32.16 31.73
CA LYS L 11 10.14 -31.42 30.71
C LYS L 11 10.27 -29.90 30.91
N ASN L 12 9.83 -29.44 32.09
CA ASN L 12 9.84 -28.00 32.40
C ASN L 12 11.23 -27.42 32.32
N PHE L 13 12.20 -28.20 32.77
CA PHE L 13 13.58 -27.74 32.81
C PHE L 13 14.02 -27.33 31.41
N LYS L 14 13.90 -28.23 30.45
CA LYS L 14 14.34 -27.93 29.09
C LYS L 14 13.67 -26.66 28.64
N ILE L 15 12.37 -26.58 28.90
CA ILE L 15 11.57 -25.41 28.55
C ILE L 15 12.14 -24.13 29.16
N ARG L 16 11.99 -23.98 30.46
CA ARG L 16 12.61 -22.89 31.19
C ARG L 16 14.04 -22.57 30.72
N ARG L 17 14.84 -23.60 30.48
CA ARG L 17 16.20 -23.41 29.98
C ARG L 17 16.16 -22.60 28.68
N LEU L 18 15.40 -23.12 27.72
CA LEU L 18 15.24 -22.49 26.42
C LEU L 18 14.67 -21.08 26.55
N SER L 19 13.86 -20.87 27.59
CA SER L 19 13.22 -19.58 27.83
C SER L 19 14.21 -18.54 28.32
N LEU L 20 15.18 -18.96 29.12
CA LEU L 20 16.25 -18.06 29.51
C LEU L 20 17.27 -18.03 28.38
N GLY L 21 16.86 -18.52 27.21
CA GLY L 21 17.74 -18.65 26.05
C GLY L 21 19.08 -19.33 26.33
N LEU L 22 19.04 -20.52 26.92
CA LEU L 22 20.26 -21.19 27.37
C LEU L 22 20.57 -22.52 26.68
N THR L 23 21.86 -22.74 26.43
CA THR L 23 22.37 -24.01 25.92
C THR L 23 22.75 -24.92 27.09
N GLN L 24 22.65 -26.23 26.88
CA GLN L 24 23.10 -27.19 27.88
C GLN L 24 24.53 -26.86 28.28
N THR L 25 25.33 -26.52 27.28
CA THR L 25 26.74 -26.20 27.50
C THR L 25 26.93 -25.12 28.55
N GLN L 26 26.14 -24.05 28.44
CA GLN L 26 26.19 -22.90 29.35
C GLN L 26 25.86 -23.30 30.77
N VAL L 27 24.70 -23.93 30.91
CA VAL L 27 24.27 -24.50 32.17
C VAL L 27 25.37 -25.42 32.68
N GLY L 28 25.78 -26.35 31.83
CA GLY L 28 26.91 -27.21 32.12
C GLY L 28 28.02 -26.47 32.84
N GLN L 29 28.44 -25.32 32.29
CA GLN L 29 29.52 -24.55 32.87
C GLN L 29 29.17 -23.91 34.21
N ALA L 30 28.04 -23.21 34.25
CA ALA L 30 27.58 -22.56 35.47
C ALA L 30 27.47 -23.60 36.58
N THR L 32 28.66 -26.94 36.81
CA THR L 32 29.84 -27.69 37.21
C THR L 32 30.69 -26.84 38.14
N ALA L 33 30.63 -25.53 37.92
CA ALA L 33 31.36 -24.59 38.76
C ALA L 33 30.89 -24.66 40.22
N THR L 34 29.62 -24.34 40.45
CA THR L 34 29.11 -24.21 41.81
C THR L 34 28.62 -25.53 42.39
N GLU L 35 28.45 -26.55 41.55
CA GLU L 35 27.92 -27.85 41.98
C GLU L 35 28.94 -28.97 41.92
N GLY L 36 29.33 -29.36 40.71
CA GLY L 36 30.24 -30.47 40.56
C GLY L 36 30.12 -31.12 39.20
N PRO L 37 31.04 -32.05 38.90
CA PRO L 37 31.18 -32.70 37.59
C PRO L 37 29.92 -33.45 37.21
N ALA L 38 29.08 -33.72 38.21
CA ALA L 38 27.80 -34.37 37.96
C ALA L 38 26.91 -33.52 37.07
N TYR L 39 27.37 -32.32 36.77
CA TYR L 39 26.52 -31.35 36.09
C TYR L 39 27.06 -30.87 34.75
N SER L 40 27.74 -31.77 34.05
CA SER L 40 28.27 -31.52 32.72
C SER L 40 27.16 -31.35 31.68
N GLN L 41 27.52 -30.84 30.50
CA GLN L 41 26.57 -30.69 29.41
C GLN L 41 25.94 -32.01 29.00
N SER L 42 26.77 -33.05 28.88
CA SER L 42 26.23 -34.38 28.54
C SER L 42 25.22 -34.82 29.58
N ALA L 43 25.51 -34.50 30.84
CA ALA L 43 24.62 -34.84 31.94
C ALA L 43 23.25 -34.16 31.78
N ILE L 44 23.28 -32.87 31.51
CA ILE L 44 22.07 -32.11 31.21
C ILE L 44 21.33 -32.79 30.07
N SER L 45 22.05 -33.18 29.02
CA SER L 45 21.36 -33.77 27.89
C SER L 45 20.64 -35.03 28.35
N ARG L 46 21.38 -35.87 29.07
CA ARG L 46 20.85 -37.14 29.55
C ARG L 46 19.71 -36.95 30.52
N PHE L 47 19.85 -35.98 31.41
CA PHE L 47 18.77 -35.70 32.32
C PHE L 47 17.51 -35.32 31.55
N GLU L 48 17.64 -34.30 30.70
CA GLU L 48 16.54 -33.81 29.89
C GLU L 48 15.90 -34.91 29.09
N LYS L 49 16.73 -35.75 28.47
CA LYS L 49 16.19 -36.86 27.72
C LYS L 49 15.72 -37.97 28.67
N LEU L 50 16.05 -37.81 29.94
CA LEU L 50 15.75 -38.80 30.97
C LEU L 50 16.45 -40.14 30.70
N ASP L 51 17.64 -40.04 30.14
CA ASP L 51 18.48 -41.19 29.93
C ASP L 51 19.34 -41.47 31.16
N ILE L 52 18.73 -41.50 32.34
CA ILE L 52 19.45 -41.92 33.55
C ILE L 52 18.63 -42.91 34.35
N THR L 53 19.24 -43.48 35.38
CA THR L 53 18.50 -44.35 36.28
C THR L 53 17.71 -43.47 37.22
N PRO L 54 16.62 -44.02 37.77
CA PRO L 54 15.74 -43.35 38.73
C PRO L 54 16.51 -42.82 39.94
N LYS L 55 17.48 -43.58 40.44
CA LYS L 55 18.28 -43.14 41.59
C LYS L 55 19.06 -41.88 41.25
N SER L 56 19.55 -41.81 40.02
CA SER L 56 20.29 -40.66 39.55
C SER L 56 19.42 -39.43 39.33
N ALA L 57 18.27 -39.61 38.71
CA ALA L 57 17.37 -38.49 38.49
C ALA L 57 16.99 -37.87 39.82
N GLN L 58 16.44 -38.70 40.70
CA GLN L 58 16.01 -38.29 42.03
C GLN L 58 17.06 -37.41 42.69
N LYS L 59 18.33 -37.79 42.51
CA LYS L 59 19.44 -37.07 43.11
C LYS L 59 19.63 -35.68 42.47
N LEU L 60 19.68 -35.66 41.14
CA LEU L 60 19.90 -34.45 40.38
C LEU L 60 18.78 -33.41 40.52
N LYS L 61 17.53 -33.87 40.40
CA LYS L 61 16.37 -32.98 40.32
C LYS L 61 16.39 -31.77 41.25
N PRO L 62 16.59 -32.01 42.55
CA PRO L 62 16.48 -30.91 43.52
C PRO L 62 17.52 -29.85 43.23
N VAL L 63 18.70 -30.31 42.87
CA VAL L 63 19.83 -29.43 42.65
C VAL L 63 19.66 -28.64 41.36
N LEU L 64 19.00 -29.25 40.38
CA LEU L 64 18.66 -28.56 39.15
C LEU L 64 17.63 -27.50 39.44
N GLU L 65 16.58 -27.89 40.15
CA GLU L 65 15.48 -27.00 40.48
C GLU L 65 15.96 -25.77 41.23
N LYS L 66 16.74 -25.99 42.29
CA LYS L 66 17.32 -24.88 43.04
C LYS L 66 17.99 -23.91 42.07
N TRP L 67 19.05 -24.38 41.43
CA TRP L 67 19.80 -23.57 40.48
C TRP L 67 18.92 -22.93 39.41
N LEU L 68 17.99 -23.69 38.83
CA LEU L 68 17.13 -23.14 37.78
C LEU L 68 16.38 -21.92 38.31
N ASN L 69 16.04 -21.95 39.58
CA ASN L 69 15.33 -20.84 40.20
C ASN L 69 16.24 -19.63 40.38
N GLU L 70 17.40 -19.85 41.00
CA GLU L 70 18.40 -18.80 41.19
C GLU L 70 18.70 -18.09 39.88
N ALA L 71 18.89 -18.87 38.81
CA ALA L 71 19.16 -18.33 37.49
C ALA L 71 18.01 -17.48 37.01
N GLU L 72 16.79 -17.96 37.21
CA GLU L 72 15.61 -17.22 36.80
C GLU L 72 15.49 -15.90 37.56
N LEU L 73 15.97 -15.89 38.78
CA LEU L 73 15.98 -14.67 39.57
C LEU L 73 16.98 -13.68 38.97
N ARG L 74 18.20 -14.13 38.74
CA ARG L 74 19.21 -13.27 38.12
C ARG L 74 18.73 -12.72 36.78
N ASN L 75 17.96 -13.52 36.06
CA ASN L 75 17.43 -13.08 34.78
C ASN L 75 16.51 -11.90 35.00
N GLN L 76 15.73 -11.97 36.08
CA GLN L 76 14.76 -10.92 36.40
C GLN L 76 15.40 -9.54 36.29
N GLU L 77 16.31 -9.24 37.21
CA GLU L 77 17.04 -7.97 37.14
C GLU L 77 18.08 -8.02 36.01
N GLY L 78 17.74 -7.45 34.86
CA GLY L 78 18.64 -7.36 33.73
C GLY L 78 19.02 -8.68 33.08
N GLN L 79 18.71 -8.83 31.80
CA GLN L 79 19.10 -10.00 31.02
C GLN L 79 20.60 -9.98 30.74
N GLN L 80 21.35 -9.36 31.64
CA GLN L 80 22.79 -9.38 31.62
C GLN L 80 23.27 -9.81 33.01
N ASN L 81 22.32 -9.99 33.92
CA ASN L 81 22.62 -10.57 35.22
C ASN L 81 22.52 -12.09 35.17
N LEU L 82 21.78 -12.59 34.19
CA LEU L 82 21.89 -13.98 33.80
C LEU L 82 23.35 -14.26 33.51
N GLU L 84 26.04 -12.70 34.37
CA GLU L 84 26.88 -12.65 35.56
C GLU L 84 26.88 -14.02 36.21
N PHE L 85 25.67 -14.57 36.36
CA PHE L 85 25.46 -15.83 37.07
C PHE L 85 26.01 -17.04 36.32
N VAL L 86 25.93 -17.02 34.99
CA VAL L 86 26.34 -18.16 34.19
C VAL L 86 27.85 -18.30 34.08
N GLY L 87 28.47 -17.46 33.28
CA GLY L 87 29.88 -17.61 32.98
C GLY L 87 30.60 -16.31 32.71
N GLY L 88 30.24 -15.66 31.60
CA GLY L 88 29.25 -16.19 30.68
C GLY L 88 29.85 -16.70 29.39
N GLU L 89 31.15 -16.99 29.41
CA GLU L 89 31.83 -17.51 28.23
C GLU L 89 33.17 -18.21 28.51
N PRO L 90 33.26 -19.03 29.58
CA PRO L 90 34.43 -19.90 29.63
C PRO L 90 34.38 -20.80 28.40
N SER L 91 35.43 -20.82 27.59
CA SER L 91 35.28 -21.36 26.25
C SER L 91 36.33 -22.39 25.78
N LYS L 92 37.55 -22.32 26.30
CA LYS L 92 38.63 -23.16 25.77
C LYS L 92 38.49 -24.64 26.13
N LYS L 93 37.50 -25.30 25.56
CA LYS L 93 37.34 -26.75 25.69
C LYS L 93 38.42 -27.44 24.86
N ARG L 94 39.55 -27.73 25.50
CA ARG L 94 40.71 -28.29 24.80
C ARG L 94 41.01 -29.73 25.26
N LYS L 95 41.69 -30.49 24.41
CA LYS L 95 41.97 -31.90 24.69
C LYS L 95 42.94 -32.07 25.85
N ARG L 96 42.69 -33.10 26.66
CA ARG L 96 43.55 -33.43 27.79
C ARG L 96 44.91 -33.98 27.39
N ARG L 97 45.95 -33.25 27.77
CA ARG L 97 47.32 -33.65 27.49
C ARG L 97 47.57 -35.07 28.02
N THR L 98 48.57 -35.75 27.47
CA THR L 98 49.05 -36.98 28.10
C THR L 98 50.57 -36.99 28.22
N SER L 99 51.26 -36.49 27.20
CA SER L 99 52.71 -36.43 27.26
C SER L 99 53.21 -35.38 28.27
N PHE L 100 54.08 -35.81 29.19
CA PHE L 100 54.48 -34.96 30.30
C PHE L 100 55.41 -33.84 29.87
N THR L 101 55.31 -32.72 30.58
CA THR L 101 56.25 -31.61 30.45
C THR L 101 56.84 -31.42 31.83
N PRO L 102 58.03 -30.81 31.90
CA PRO L 102 58.66 -30.48 33.18
C PRO L 102 57.75 -29.70 34.13
N GLN L 103 57.00 -28.72 33.61
CA GLN L 103 56.05 -27.97 34.42
C GLN L 103 55.02 -28.93 35.02
N ALA L 104 54.54 -29.86 34.20
CA ALA L 104 53.57 -30.85 34.65
C ALA L 104 54.15 -31.72 35.77
N ILE L 105 55.31 -32.32 35.54
CA ILE L 105 55.91 -33.22 36.52
C ILE L 105 56.26 -32.47 37.81
N GLU L 106 56.53 -31.17 37.68
CA GLU L 106 56.83 -30.34 38.83
C GLU L 106 55.57 -30.23 39.68
N ALA L 107 54.45 -30.03 38.99
CA ALA L 107 53.16 -29.88 39.62
C ALA L 107 52.77 -31.17 40.33
N LEU L 108 52.83 -32.28 39.60
CA LEU L 108 52.52 -33.59 40.16
C LEU L 108 53.26 -33.83 41.46
N ASN L 109 54.53 -33.44 41.50
CA ASN L 109 55.34 -33.63 42.70
C ASN L 109 54.94 -32.74 43.87
N ALA L 110 54.58 -31.50 43.59
CA ALA L 110 54.03 -30.60 44.59
C ALA L 110 52.80 -31.24 45.25
N TYR L 111 51.90 -31.76 44.41
CA TYR L 111 50.74 -32.51 44.87
C TYR L 111 51.12 -33.70 45.75
N PHE L 112 52.22 -34.36 45.40
CA PHE L 112 52.65 -35.56 46.09
C PHE L 112 53.17 -35.28 47.51
N GLU L 113 53.91 -34.18 47.64
CA GLU L 113 54.42 -33.75 48.92
C GLU L 113 53.26 -33.47 49.87
N LYS L 114 52.16 -33.00 49.29
CA LYS L 114 50.99 -32.65 50.07
C LYS L 114 49.95 -33.78 50.13
N ASN L 115 50.17 -34.84 49.36
CA ASN L 115 49.22 -35.94 49.27
C ASN L 115 49.78 -37.19 48.57
N PRO L 116 50.47 -38.07 49.33
CA PRO L 116 51.06 -39.27 48.74
C PRO L 116 50.02 -40.28 48.28
N LEU L 117 48.93 -40.41 49.02
CA LEU L 117 47.92 -41.43 48.73
C LEU L 117 46.56 -40.84 48.41
N PRO L 118 46.42 -40.23 47.21
CA PRO L 118 45.16 -39.61 46.79
C PRO L 118 44.03 -40.60 46.71
N THR L 119 42.82 -40.16 47.07
CA THR L 119 41.63 -40.93 46.77
C THR L 119 41.36 -40.71 45.29
N GLY L 120 40.60 -41.62 44.69
CA GLY L 120 40.32 -41.52 43.27
C GLY L 120 39.65 -40.22 42.91
N GLN L 121 38.89 -39.67 43.83
CA GLN L 121 38.22 -38.40 43.57
C GLN L 121 39.28 -37.32 43.45
N GLU L 122 40.25 -37.36 44.37
CA GLU L 122 41.34 -36.40 44.37
C GLU L 122 42.13 -36.49 43.07
N ILE L 123 42.26 -37.71 42.55
CA ILE L 123 42.96 -37.94 41.30
C ILE L 123 42.23 -37.33 40.11
N THR L 124 40.91 -37.41 40.07
CA THR L 124 40.19 -36.80 38.97
C THR L 124 40.32 -35.27 39.07
N GLU L 125 40.23 -34.77 40.30
CA GLU L 125 40.33 -33.34 40.57
C GLU L 125 41.67 -32.82 40.09
N ALA L 127 43.84 -34.21 37.92
CA ALA L 127 43.98 -34.35 36.48
C ALA L 127 43.25 -33.23 35.74
N LYS L 128 42.04 -32.93 36.20
CA LYS L 128 41.20 -31.92 35.53
C LYS L 128 41.92 -30.59 35.45
N GLU L 129 42.45 -30.17 36.60
CA GLU L 129 43.06 -28.87 36.70
C GLU L 129 44.44 -28.83 36.01
N LEU L 130 45.08 -29.99 35.88
CA LEU L 130 46.33 -30.09 35.13
C LEU L 130 46.03 -30.22 33.65
N ASN L 131 44.78 -30.53 33.33
CA ASN L 131 44.40 -30.85 31.96
C ASN L 131 45.19 -32.05 31.41
N TYR L 132 45.45 -33.04 32.25
CA TYR L 132 46.09 -34.27 31.79
C TYR L 132 45.13 -35.45 31.82
N ASP L 133 45.34 -36.40 30.92
CA ASP L 133 44.60 -37.65 30.94
C ASP L 133 44.55 -38.15 32.39
N ARG L 134 43.41 -38.70 32.80
CA ARG L 134 43.29 -39.19 34.17
C ARG L 134 44.20 -40.38 34.44
N GLU L 135 44.19 -41.36 33.53
CA GLU L 135 45.06 -42.53 33.65
C GLU L 135 46.53 -42.13 33.78
N VAL L 136 46.96 -41.18 32.97
CA VAL L 136 48.32 -40.70 33.06
C VAL L 136 48.64 -40.28 34.50
N VAL L 137 47.73 -39.51 35.09
CA VAL L 137 47.94 -39.02 36.45
C VAL L 137 47.92 -40.15 37.49
N ARG L 138 46.91 -41.01 37.42
CA ARG L 138 46.73 -42.02 38.46
C ARG L 138 47.89 -43.03 38.49
N VAL L 139 48.37 -43.41 37.31
CA VAL L 139 49.51 -44.31 37.22
C VAL L 139 50.78 -43.64 37.73
N TRP L 140 50.97 -42.36 37.40
CA TRP L 140 52.13 -41.65 37.93
C TRP L 140 52.17 -41.75 39.44
N PHE L 141 51.02 -41.51 40.06
CA PHE L 141 50.93 -41.59 41.50
C PHE L 141 51.16 -43.00 42.02
N SER L 142 50.50 -43.98 41.40
CA SER L 142 50.68 -45.39 41.77
C SER L 142 52.15 -45.84 41.85
N ASN L 143 52.91 -45.51 40.80
CA ASN L 143 54.31 -45.89 40.71
C ASN L 143 55.16 -45.12 41.69
N ARG L 144 54.85 -43.84 41.83
CA ARG L 144 55.63 -42.97 42.69
C ARG L 144 55.68 -43.50 44.13
N ARG L 145 54.53 -44.00 44.61
CA ARG L 145 54.49 -44.63 45.90
C ARG L 145 55.42 -45.83 45.86
N GLN L 146 54.97 -46.84 45.13
CA GLN L 146 55.71 -48.09 44.97
C GLN L 146 57.12 -47.86 44.39
N ASN M 2 -13.07 21.87 2.03
CA ASN M 2 -12.80 23.31 1.91
C ASN M 2 -13.71 24.06 0.93
N GLU M 4 -14.96 27.31 0.94
CA GLU M 4 -14.31 28.57 0.63
C GLU M 4 -13.58 28.48 -0.71
N GLU M 5 -12.53 27.67 -0.74
CA GLU M 5 -11.80 27.38 -1.95
C GLU M 5 -12.71 27.20 -3.15
N ILE M 6 -13.46 26.10 -3.16
CA ILE M 6 -14.25 25.71 -4.32
C ILE M 6 -15.35 26.72 -4.67
N ARG M 7 -16.11 27.15 -3.67
CA ARG M 7 -17.09 28.21 -3.87
C ARG M 7 -16.50 29.35 -4.69
N GLU M 8 -15.24 29.69 -4.39
CA GLU M 8 -14.53 30.75 -5.11
C GLU M 8 -14.13 30.31 -6.51
N PHE M 9 -13.83 29.03 -6.66
CA PHE M 9 -13.41 28.52 -7.96
C PHE M 9 -14.59 28.45 -8.92
N ALA M 10 -15.76 28.08 -8.40
CA ALA M 10 -16.98 28.05 -9.19
C ALA M 10 -17.27 29.41 -9.81
N LYS M 11 -17.18 30.47 -9.01
CA LYS M 11 -17.46 31.82 -9.48
C LYS M 11 -16.56 32.18 -10.63
N ASN M 12 -15.26 31.99 -10.41
CA ASN M 12 -14.26 32.27 -11.43
C ASN M 12 -14.45 31.40 -12.65
N PHE M 13 -14.70 30.12 -12.44
CA PHE M 13 -14.90 29.20 -13.54
C PHE M 13 -15.96 29.70 -14.50
N LYS M 14 -17.07 30.19 -13.96
CA LYS M 14 -18.16 30.65 -14.80
C LYS M 14 -17.77 31.93 -15.56
N ILE M 15 -17.03 32.80 -14.88
CA ILE M 15 -16.59 34.01 -15.53
C ILE M 15 -15.68 33.66 -16.69
N ARG M 16 -14.70 32.79 -16.40
CA ARG M 16 -13.70 32.42 -17.38
C ARG M 16 -14.37 31.74 -18.55
N ARG M 17 -15.37 30.92 -18.25
CA ARG M 17 -16.14 30.23 -19.28
C ARG M 17 -16.84 31.22 -20.20
N LEU M 18 -17.64 32.10 -19.62
CA LEU M 18 -18.38 33.10 -20.40
C LEU M 18 -17.41 34.04 -21.12
N SER M 19 -16.29 34.34 -20.48
CA SER M 19 -15.30 35.24 -21.08
C SER M 19 -14.59 34.64 -22.29
N LEU M 20 -14.70 33.32 -22.48
CA LEU M 20 -14.21 32.66 -23.69
C LEU M 20 -15.37 32.44 -24.67
N GLY M 21 -16.58 32.84 -24.29
CA GLY M 21 -17.73 32.68 -25.16
C GLY M 21 -18.18 31.22 -25.32
N LEU M 22 -17.95 30.42 -24.29
CA LEU M 22 -18.32 29.01 -24.37
C LEU M 22 -19.63 28.72 -23.65
N THR M 23 -20.50 27.95 -24.28
CA THR M 23 -21.67 27.48 -23.55
C THR M 23 -21.28 26.31 -22.64
N GLN M 24 -22.05 26.12 -21.57
CA GLN M 24 -21.94 24.93 -20.74
C GLN M 24 -21.88 23.71 -21.63
N THR M 25 -22.88 23.54 -22.47
CA THR M 25 -22.93 22.38 -23.34
C THR M 25 -21.64 22.17 -24.15
N GLN M 26 -21.00 23.25 -24.62
CA GLN M 26 -19.73 23.12 -25.34
C GLN M 26 -18.63 22.61 -24.45
N VAL M 27 -18.59 23.13 -23.24
CA VAL M 27 -17.57 22.77 -22.28
C VAL M 27 -17.65 21.29 -21.96
N GLY M 28 -18.85 20.81 -21.67
CA GLY M 28 -19.04 19.43 -21.31
C GLY M 28 -18.69 18.53 -22.47
N GLN M 29 -19.33 18.77 -23.60
CA GLN M 29 -19.00 18.07 -24.83
C GLN M 29 -17.49 17.92 -24.98
N ALA M 30 -16.76 19.02 -24.75
CA ALA M 30 -15.31 19.04 -24.91
C ALA M 30 -14.59 18.20 -23.88
N THR M 32 -16.09 15.62 -21.98
CA THR M 32 -16.35 14.21 -22.18
C THR M 32 -15.61 13.88 -23.46
N ALA M 33 -14.36 13.45 -23.31
CA ALA M 33 -13.41 13.47 -24.42
C ALA M 33 -13.47 12.23 -25.32
N THR M 34 -13.79 11.07 -24.75
CA THR M 34 -14.00 9.85 -25.55
C THR M 34 -15.16 8.99 -25.05
N GLU M 35 -15.04 8.50 -23.82
CA GLU M 35 -15.97 7.51 -23.29
C GLU M 35 -15.68 7.23 -21.81
N GLY M 36 -16.07 8.18 -20.95
CA GLY M 36 -15.85 8.05 -19.53
C GLY M 36 -14.73 8.94 -19.02
N PRO M 37 -15.05 9.80 -18.03
CA PRO M 37 -16.44 10.01 -17.65
C PRO M 37 -17.13 10.98 -18.62
N ALA M 38 -18.46 11.02 -18.53
CA ALA M 38 -19.24 12.00 -19.22
C ALA M 38 -19.28 13.28 -18.39
N TYR M 39 -19.41 14.40 -19.09
CA TYR M 39 -19.62 15.70 -18.46
C TYR M 39 -20.76 16.38 -19.20
N SER M 40 -21.92 16.47 -18.56
CA SER M 40 -23.09 17.01 -19.24
C SER M 40 -23.29 18.52 -18.97
N GLN M 41 -24.11 19.16 -19.80
CA GLN M 41 -24.42 20.57 -19.61
C GLN M 41 -24.98 20.73 -18.21
N SER M 42 -25.88 19.81 -17.87
CA SER M 42 -26.52 19.81 -16.58
C SER M 42 -25.53 19.77 -15.43
N ALA M 43 -24.44 19.03 -15.64
CA ALA M 43 -23.42 18.89 -14.62
C ALA M 43 -22.77 20.24 -14.36
N ILE M 44 -22.31 20.86 -15.45
CA ILE M 44 -21.65 22.16 -15.39
C ILE M 44 -22.55 23.24 -14.77
N SER M 45 -23.82 23.23 -15.14
CA SER M 45 -24.79 24.11 -14.48
C SER M 45 -24.84 23.87 -12.96
N ARG M 46 -25.09 22.61 -12.57
CA ARG M 46 -25.17 22.28 -11.15
C ARG M 46 -23.88 22.60 -10.41
N PHE M 47 -22.76 22.44 -11.08
CA PHE M 47 -21.49 22.75 -10.46
C PHE M 47 -21.34 24.25 -10.20
N GLU M 48 -21.37 25.02 -11.29
CA GLU M 48 -21.23 26.46 -11.23
C GLU M 48 -22.16 27.07 -10.20
N LYS M 49 -23.38 26.55 -10.15
CA LYS M 49 -24.38 27.07 -9.23
C LYS M 49 -24.26 26.39 -7.87
N LEU M 50 -23.21 25.57 -7.75
CA LEU M 50 -22.87 24.94 -6.49
C LEU M 50 -23.93 24.01 -5.93
N ASP M 51 -24.84 23.57 -6.80
CA ASP M 51 -25.81 22.55 -6.45
C ASP M 51 -25.17 21.16 -6.46
N ILE M 52 -24.04 21.00 -5.77
CA ILE M 52 -23.52 19.66 -5.62
C ILE M 52 -22.89 19.39 -4.27
N THR M 53 -22.56 18.13 -4.05
CA THR M 53 -21.91 17.69 -2.84
C THR M 53 -20.47 18.20 -2.77
N PRO M 54 -20.02 18.58 -1.57
CA PRO M 54 -18.64 19.01 -1.39
C PRO M 54 -17.69 17.93 -1.87
N LYS M 55 -18.00 16.68 -1.54
CA LYS M 55 -17.17 15.56 -1.96
C LYS M 55 -17.09 15.50 -3.49
N SER M 56 -18.23 15.53 -4.16
CA SER M 56 -18.20 15.47 -5.62
C SER M 56 -17.67 16.76 -6.25
N ALA M 57 -17.81 17.89 -5.54
CA ALA M 57 -17.21 19.14 -6.00
C ALA M 57 -15.69 19.04 -5.97
N GLN M 58 -15.16 18.46 -4.90
CA GLN M 58 -13.72 18.29 -4.81
C GLN M 58 -13.21 17.35 -5.88
N LYS M 59 -14.00 16.34 -6.26
CA LYS M 59 -13.51 15.42 -7.29
C LYS M 59 -13.59 16.07 -8.68
N LEU M 60 -14.42 17.10 -8.82
CA LEU M 60 -14.62 17.80 -10.09
C LEU M 60 -13.63 18.93 -10.29
N LYS M 61 -13.47 19.73 -9.24
CA LYS M 61 -12.60 20.90 -9.23
C LYS M 61 -11.31 20.74 -10.06
N PRO M 62 -10.54 19.68 -9.81
CA PRO M 62 -9.26 19.51 -10.49
C PRO M 62 -9.40 19.27 -11.98
N VAL M 63 -10.40 18.51 -12.41
CA VAL M 63 -10.53 18.23 -13.83
C VAL M 63 -11.01 19.45 -14.62
N LEU M 64 -11.95 20.19 -14.05
CA LEU M 64 -12.35 21.47 -14.64
C LEU M 64 -11.15 22.40 -14.69
N GLU M 65 -10.52 22.58 -13.53
CA GLU M 65 -9.32 23.41 -13.41
C GLU M 65 -8.26 23.12 -14.47
N LYS M 66 -7.97 21.84 -14.71
CA LYS M 66 -7.02 21.51 -15.77
C LYS M 66 -7.54 21.96 -17.14
N TRP M 67 -8.80 21.70 -17.39
CA TRP M 67 -9.37 21.93 -18.70
C TRP M 67 -9.42 23.42 -19.05
N LEU M 68 -9.77 24.24 -18.08
CA LEU M 68 -9.87 25.68 -18.26
C LEU M 68 -8.52 26.32 -18.61
N ASN M 69 -7.48 25.95 -17.88
CA ASN M 69 -6.16 26.50 -18.15
C ASN M 69 -5.80 26.25 -19.60
N GLU M 70 -6.03 25.00 -20.02
CA GLU M 70 -5.69 24.54 -21.35
C GLU M 70 -6.48 25.36 -22.36
N ALA M 71 -7.75 25.56 -22.05
CA ALA M 71 -8.63 26.27 -22.95
C ALA M 71 -8.13 27.69 -23.14
N GLU M 72 -7.77 28.34 -22.05
CA GLU M 72 -7.32 29.72 -22.13
C GLU M 72 -6.04 29.85 -22.91
N LEU M 73 -5.15 28.87 -22.78
CA LEU M 73 -3.96 28.80 -23.61
C LEU M 73 -4.29 28.76 -25.09
N ARG M 74 -5.15 27.83 -25.47
CA ARG M 74 -5.62 27.71 -26.83
C ARG M 74 -6.13 29.05 -27.34
N ASN M 75 -7.04 29.63 -26.58
CA ASN M 75 -7.60 30.90 -26.96
C ASN M 75 -6.52 31.98 -27.07
N GLN M 76 -5.57 31.95 -26.16
CA GLN M 76 -4.48 32.93 -26.19
C GLN M 76 -3.64 32.74 -27.47
N GLU M 77 -3.62 31.53 -28.02
CA GLU M 77 -2.95 31.32 -29.30
C GLU M 77 -3.82 31.85 -30.43
N GLY M 78 -5.13 31.76 -30.24
CA GLY M 78 -6.06 32.16 -31.28
C GLY M 78 -7.45 31.60 -31.06
N GLN M 79 -8.44 32.29 -31.60
CA GLN M 79 -9.83 31.94 -31.42
C GLN M 79 -10.12 30.58 -32.01
N GLN M 80 -9.58 30.33 -33.19
CA GLN M 80 -9.81 29.06 -33.85
C GLN M 80 -8.97 27.96 -33.20
N ASN M 81 -7.83 28.33 -32.64
CA ASN M 81 -7.09 27.42 -31.77
C ASN M 81 -7.98 26.89 -30.65
N LEU M 82 -8.60 27.80 -29.92
CA LEU M 82 -9.56 27.43 -28.88
C LEU M 82 -10.68 26.53 -29.42
N GLU M 84 -10.58 24.59 -31.82
CA GLU M 84 -9.99 23.34 -32.24
C GLU M 84 -9.99 22.46 -31.01
N PHE M 85 -9.54 23.06 -29.92
CA PHE M 85 -9.51 22.42 -28.62
C PHE M 85 -10.88 21.88 -28.23
N VAL M 86 -11.90 22.72 -28.33
CA VAL M 86 -13.28 22.32 -28.03
C VAL M 86 -13.82 21.24 -29.00
N GLY M 87 -13.58 21.41 -30.29
CA GLY M 87 -13.98 20.44 -31.29
C GLY M 87 -15.48 20.22 -31.38
N GLY M 88 -15.86 18.98 -31.68
CA GLY M 88 -17.25 18.55 -31.62
C GLY M 88 -18.14 18.97 -32.77
N GLU M 89 -17.65 18.80 -33.99
CA GLU M 89 -18.38 19.15 -35.21
C GLU M 89 -19.10 20.50 -35.12
N PRO M 90 -18.38 21.57 -34.73
CA PRO M 90 -18.97 22.91 -34.70
C PRO M 90 -19.30 23.32 -36.13
N SER M 91 -20.30 24.18 -36.40
CA SER M 91 -21.17 24.85 -35.43
C SER M 91 -21.90 25.94 -36.23
N LYS M 92 -23.18 25.72 -36.51
CA LYS M 92 -23.91 26.52 -37.51
C LYS M 92 -24.20 27.98 -37.13
N LYS M 93 -24.79 28.71 -38.07
CA LYS M 93 -25.31 30.04 -37.79
C LYS M 93 -26.64 29.88 -37.07
N ARG M 94 -27.06 30.86 -36.29
CA ARG M 94 -28.31 30.72 -35.58
C ARG M 94 -29.43 30.72 -36.59
N LYS M 95 -30.54 30.08 -36.25
CA LYS M 95 -31.69 30.05 -37.13
C LYS M 95 -32.24 31.47 -37.25
N ARG M 96 -32.68 31.87 -38.44
CA ARG M 96 -33.42 33.13 -38.59
C ARG M 96 -34.66 33.16 -37.70
N ARG M 97 -34.81 34.27 -37.01
CA ARG M 97 -36.07 34.68 -36.43
C ARG M 97 -37.10 34.27 -37.50
N THR M 98 -38.14 33.50 -37.16
CA THR M 98 -39.10 33.17 -38.21
C THR M 98 -40.17 34.22 -38.32
N SER M 99 -40.84 34.22 -39.46
CA SER M 99 -41.85 35.21 -39.78
C SER M 99 -43.16 34.51 -39.97
N PHE M 100 -44.06 34.66 -39.01
CA PHE M 100 -45.35 34.02 -39.10
C PHE M 100 -46.26 34.92 -39.89
N THR M 101 -47.08 34.33 -40.76
CA THR M 101 -48.11 35.12 -41.40
C THR M 101 -49.07 35.53 -40.30
N PRO M 102 -49.89 36.55 -40.56
CA PRO M 102 -50.96 36.95 -39.64
C PRO M 102 -52.02 35.85 -39.52
N GLN M 103 -52.23 35.10 -40.59
CA GLN M 103 -53.16 33.98 -40.57
C GLN M 103 -52.71 32.94 -39.56
N ALA M 104 -51.43 32.57 -39.66
CA ALA M 104 -50.84 31.54 -38.79
C ALA M 104 -50.86 32.00 -37.35
N ILE M 105 -50.58 33.28 -37.14
CA ILE M 105 -50.52 33.85 -35.81
C ILE M 105 -51.94 33.96 -35.24
N GLU M 106 -52.90 34.18 -36.14
CA GLU M 106 -54.31 34.16 -35.83
C GLU M 106 -54.67 32.76 -35.34
N ALA M 107 -54.30 31.78 -36.16
CA ALA M 107 -54.53 30.37 -35.87
C ALA M 107 -53.90 29.94 -34.55
N LEU M 108 -52.65 30.32 -34.34
CA LEU M 108 -51.95 29.90 -33.14
C LEU M 108 -52.64 30.47 -31.92
N ASN M 109 -53.00 31.74 -31.97
CA ASN M 109 -53.71 32.33 -30.84
C ASN M 109 -55.09 31.72 -30.67
N ALA M 110 -55.56 31.04 -31.71
CA ALA M 110 -56.78 30.23 -31.61
C ALA M 110 -56.56 29.04 -30.68
N TYR M 111 -55.79 28.05 -31.12
CA TYR M 111 -55.61 26.85 -30.31
C TYR M 111 -55.14 27.24 -28.92
N PHE M 112 -54.35 28.31 -28.84
CA PHE M 112 -53.77 28.72 -27.59
C PHE M 112 -54.79 29.06 -26.53
N GLU M 113 -55.78 29.86 -26.90
CA GLU M 113 -56.81 30.21 -25.95
C GLU M 113 -57.62 28.99 -25.56
N LYS M 114 -57.65 27.99 -26.43
CA LYS M 114 -58.29 26.72 -26.10
C LYS M 114 -57.38 25.92 -25.19
N ASN M 115 -56.25 25.50 -25.74
CA ASN M 115 -55.28 24.70 -25.00
C ASN M 115 -53.91 25.39 -24.97
N PRO M 116 -53.60 26.07 -23.87
CA PRO M 116 -52.32 26.76 -23.66
C PRO M 116 -51.15 25.80 -23.43
N LEU M 117 -51.43 24.52 -23.23
CA LEU M 117 -50.37 23.55 -22.95
C LEU M 117 -50.40 22.26 -23.75
N PRO M 118 -50.44 22.38 -25.09
CA PRO M 118 -50.53 21.21 -25.98
C PRO M 118 -49.42 20.20 -25.74
N THR M 119 -49.68 18.97 -26.17
CA THR M 119 -48.75 17.88 -26.05
C THR M 119 -47.91 17.81 -27.31
N GLY M 120 -46.89 16.96 -27.30
CA GLY M 120 -46.07 16.72 -28.48
C GLY M 120 -46.94 16.38 -29.67
N GLN M 121 -47.98 15.59 -29.44
CA GLN M 121 -48.83 15.14 -30.52
C GLN M 121 -49.56 16.32 -31.15
N GLU M 122 -50.28 17.09 -30.33
CA GLU M 122 -51.08 18.18 -30.87
C GLU M 122 -50.21 19.28 -31.46
N ILE M 123 -49.02 19.46 -30.89
CA ILE M 123 -48.02 20.36 -31.45
C ILE M 123 -47.61 19.93 -32.86
N THR M 124 -47.34 18.63 -33.01
CA THR M 124 -47.08 18.06 -34.32
C THR M 124 -48.27 18.27 -35.24
N GLU M 125 -49.46 18.13 -34.68
CA GLU M 125 -50.69 18.34 -35.45
C GLU M 125 -50.76 19.73 -36.05
N ALA M 127 -48.43 22.04 -36.17
CA ALA M 127 -47.24 22.16 -37.03
C ALA M 127 -47.55 21.78 -38.47
N LYS M 128 -48.19 20.63 -38.63
CA LYS M 128 -48.45 20.08 -39.96
C LYS M 128 -49.58 20.79 -40.71
N GLU M 129 -50.57 21.30 -40.00
CA GLU M 129 -51.59 22.07 -40.70
C GLU M 129 -51.03 23.40 -41.19
N LEU M 130 -50.54 24.22 -40.27
CA LEU M 130 -49.92 25.50 -40.64
C LEU M 130 -48.61 25.31 -41.42
N ASN M 131 -48.13 24.08 -41.52
CA ASN M 131 -46.91 23.78 -42.27
C ASN M 131 -45.72 24.62 -41.82
N TYR M 132 -45.46 24.59 -40.51
CA TYR M 132 -44.25 25.15 -39.93
C TYR M 132 -43.57 24.00 -39.19
N ASP M 133 -42.25 24.02 -39.10
CA ASP M 133 -41.56 22.90 -38.50
C ASP M 133 -41.88 22.86 -37.00
N ARG M 134 -42.19 21.66 -36.48
CA ARG M 134 -42.83 21.52 -35.16
C ARG M 134 -42.02 22.15 -34.03
N GLU M 135 -40.69 22.07 -34.12
CA GLU M 135 -39.86 22.75 -33.14
C GLU M 135 -40.27 24.21 -33.02
N VAL M 136 -40.40 24.87 -34.17
CA VAL M 136 -40.88 26.25 -34.22
C VAL M 136 -42.23 26.43 -33.52
N VAL M 137 -43.16 25.51 -33.75
CA VAL M 137 -44.47 25.63 -33.12
C VAL M 137 -44.42 25.40 -31.61
N ARG M 138 -43.53 24.51 -31.18
CA ARG M 138 -43.43 24.25 -29.74
C ARG M 138 -42.96 25.47 -29.02
N VAL M 139 -41.85 25.98 -29.52
CA VAL M 139 -41.26 27.24 -29.11
C VAL M 139 -42.27 28.38 -29.08
N TRP M 140 -43.07 28.50 -30.15
CA TRP M 140 -44.10 29.54 -30.19
C TRP M 140 -45.00 29.44 -28.97
N PHE M 141 -45.42 28.22 -28.64
CA PHE M 141 -46.32 28.01 -27.52
C PHE M 141 -45.69 28.38 -26.18
N SER M 142 -44.50 27.85 -25.95
CA SER M 142 -43.71 28.24 -24.79
C SER M 142 -43.59 29.77 -24.69
N ASN M 143 -43.07 30.39 -25.74
CA ASN M 143 -42.87 31.82 -25.73
C ASN M 143 -44.19 32.58 -25.49
N ARG M 144 -45.28 32.09 -26.08
CA ARG M 144 -46.58 32.69 -25.92
C ARG M 144 -46.91 32.72 -24.44
N ARG M 145 -46.59 31.61 -23.77
CA ARG M 145 -46.85 31.46 -22.35
C ARG M 145 -46.06 32.47 -21.53
N GLN M 146 -44.74 32.48 -21.69
CA GLN M 146 -43.93 33.34 -20.84
C GLN M 146 -44.35 34.81 -20.92
N THR M 147 -44.61 35.29 -22.13
CA THR M 147 -44.94 36.71 -22.25
C THR M 147 -46.25 36.96 -21.51
N LEU M 148 -47.16 35.99 -21.59
CA LEU M 148 -48.44 36.10 -20.92
C LEU M 148 -48.27 36.11 -19.41
N LYS M 149 -47.29 35.37 -18.91
CA LYS M 149 -46.94 35.43 -17.50
C LYS M 149 -46.63 36.87 -17.13
N ASN M 150 -45.81 37.50 -17.97
CA ASN M 150 -45.29 38.85 -17.72
C ASN M 150 -46.26 40.01 -17.93
N THR M 151 -47.55 39.77 -17.82
CA THR M 151 -48.52 40.82 -18.06
C THR M 151 -49.75 40.68 -17.15
N ASN N 2 -13.85 57.69 -33.56
CA ASN N 2 -12.78 56.96 -32.89
C ASN N 2 -13.14 55.48 -32.75
N GLU N 4 -11.85 52.32 -33.49
CA GLU N 4 -11.02 51.28 -32.89
C GLU N 4 -11.12 51.40 -31.37
N GLU N 5 -11.23 52.64 -30.91
CA GLU N 5 -11.36 52.96 -29.50
C GLU N 5 -12.67 52.45 -28.95
N ILE N 6 -13.71 52.53 -29.77
CA ILE N 6 -15.02 52.04 -29.36
C ILE N 6 -15.06 50.51 -29.39
N ARG N 7 -14.62 49.90 -30.50
CA ARG N 7 -14.61 48.45 -30.61
C ARG N 7 -13.93 47.88 -29.37
N GLU N 8 -12.87 48.54 -28.94
CA GLU N 8 -12.16 48.11 -27.76
C GLU N 8 -13.03 48.20 -26.51
N PHE N 9 -13.69 49.35 -26.33
CA PHE N 9 -14.54 49.53 -25.16
C PHE N 9 -15.60 48.46 -25.07
N ALA N 10 -16.24 48.15 -26.20
CA ALA N 10 -17.31 47.17 -26.21
C ALA N 10 -16.75 45.81 -25.80
N LYS N 11 -15.60 45.47 -26.37
CA LYS N 11 -14.88 44.26 -25.98
C LYS N 11 -14.74 44.20 -24.46
N ASN N 12 -14.28 45.31 -23.88
CA ASN N 12 -14.03 45.37 -22.45
C ASN N 12 -15.28 45.50 -21.61
N PHE N 13 -16.32 46.06 -22.21
CA PHE N 13 -17.58 46.17 -21.49
C PHE N 13 -18.16 44.81 -21.19
N LYS N 14 -18.01 43.88 -22.12
CA LYS N 14 -18.51 42.53 -21.91
C LYS N 14 -17.72 41.87 -20.80
N ILE N 15 -16.40 41.81 -20.97
CA ILE N 15 -15.55 41.20 -19.96
C ILE N 15 -15.93 41.68 -18.58
N ARG N 16 -16.07 43.00 -18.47
CA ARG N 16 -16.33 43.64 -17.19
C ARG N 16 -17.71 43.33 -16.62
N ARG N 17 -18.73 43.29 -17.47
CA ARG N 17 -20.06 42.89 -17.04
C ARG N 17 -20.01 41.43 -16.57
N LEU N 18 -19.18 40.62 -17.25
CA LEU N 18 -19.05 39.21 -16.91
C LEU N 18 -18.35 39.07 -15.56
N SER N 19 -17.29 39.84 -15.40
CA SER N 19 -16.56 39.84 -14.15
C SER N 19 -17.48 40.17 -12.98
N LEU N 20 -18.52 40.96 -13.23
CA LEU N 20 -19.44 41.30 -12.15
C LEU N 20 -20.51 40.24 -11.98
N GLY N 21 -20.51 39.24 -12.87
CA GLY N 21 -21.55 38.25 -12.85
C GLY N 21 -22.91 38.88 -13.07
N LEU N 22 -22.98 39.81 -14.02
CA LEU N 22 -24.25 40.44 -14.35
C LEU N 22 -24.73 39.96 -15.71
N THR N 23 -26.03 39.68 -15.82
CA THR N 23 -26.63 39.44 -17.11
C THR N 23 -26.80 40.77 -17.85
N GLN N 24 -26.89 40.72 -19.16
CA GLN N 24 -27.32 41.87 -19.92
C GLN N 24 -28.64 42.40 -19.35
N THR N 25 -29.51 41.50 -18.95
CA THR N 25 -30.83 41.97 -18.57
C THR N 25 -30.74 42.72 -17.25
N GLN N 26 -29.78 42.32 -16.41
CA GLN N 26 -29.58 42.98 -15.12
C GLN N 26 -29.12 44.41 -15.35
N VAL N 27 -28.11 44.54 -16.20
CA VAL N 27 -27.63 45.83 -16.63
C VAL N 27 -28.74 46.67 -17.28
N GLY N 28 -29.42 46.11 -18.26
CA GLY N 28 -30.53 46.80 -18.86
C GLY N 28 -31.45 47.27 -17.75
N GLN N 29 -31.84 46.34 -16.88
CA GLN N 29 -32.74 46.61 -15.78
C GLN N 29 -32.37 47.89 -15.03
N ALA N 30 -31.11 47.97 -14.63
CA ALA N 30 -30.61 49.10 -13.86
C ALA N 30 -30.62 50.39 -14.67
N THR N 32 -31.79 51.41 -17.65
CA THR N 32 -33.02 51.99 -18.19
C THR N 32 -33.71 52.78 -17.08
N ALA N 33 -33.53 52.31 -15.84
CA ALA N 33 -34.14 52.97 -14.70
C ALA N 33 -33.45 54.30 -14.38
N THR N 34 -32.12 54.30 -14.40
CA THR N 34 -31.35 55.48 -14.01
C THR N 34 -30.98 56.38 -15.19
N GLU N 35 -31.28 55.94 -16.41
CA GLU N 35 -30.77 56.63 -17.58
C GLU N 35 -31.61 56.49 -18.83
N GLY N 36 -32.75 55.81 -18.72
CA GLY N 36 -33.72 55.78 -19.80
C GLY N 36 -33.60 54.64 -20.80
N PRO N 37 -34.59 54.56 -21.72
CA PRO N 37 -34.87 53.47 -22.67
C PRO N 37 -33.73 53.16 -23.64
N ALA N 38 -32.73 54.03 -23.66
CA ALA N 38 -31.58 53.80 -24.54
C ALA N 38 -30.73 52.65 -23.99
N TYR N 39 -30.91 52.32 -22.72
CA TYR N 39 -30.04 51.33 -22.07
C TYR N 39 -30.76 50.03 -21.69
N SER N 40 -31.64 49.58 -22.58
CA SER N 40 -32.36 48.34 -22.40
C SER N 40 -31.43 47.16 -22.64
N GLN N 41 -31.86 45.97 -22.20
CA GLN N 41 -31.07 44.75 -22.40
C GLN N 41 -30.75 44.59 -23.88
N SER N 42 -31.79 44.75 -24.69
CA SER N 42 -31.70 44.65 -26.12
C SER N 42 -30.61 45.55 -26.69
N ALA N 43 -30.54 46.77 -26.16
CA ALA N 43 -29.54 47.75 -26.62
C ALA N 43 -28.16 47.36 -26.13
N ILE N 44 -28.09 46.93 -24.87
CA ILE N 44 -26.86 46.38 -24.33
C ILE N 44 -26.37 45.26 -25.24
N SER N 45 -27.32 44.45 -25.69
CA SER N 45 -27.01 43.28 -26.50
C SER N 45 -26.41 43.74 -27.82
N ARG N 46 -27.08 44.71 -28.42
CA ARG N 46 -26.69 45.24 -29.71
C ARG N 46 -25.39 46.03 -29.61
N PHE N 47 -25.13 46.57 -28.44
CA PHE N 47 -23.92 47.34 -28.25
C PHE N 47 -22.69 46.45 -28.25
N GLU N 48 -22.70 45.39 -27.44
CA GLU N 48 -21.53 44.52 -27.32
C GLU N 48 -21.21 43.79 -28.61
N LYS N 49 -22.23 43.59 -29.47
CA LYS N 49 -22.00 43.06 -30.83
C LYS N 49 -21.68 44.23 -31.77
N LEU N 50 -21.92 45.44 -31.28
CA LEU N 50 -21.71 46.62 -32.10
C LEU N 50 -22.62 46.59 -33.32
N ASP N 51 -23.81 46.03 -33.14
CA ASP N 51 -24.86 46.15 -34.13
C ASP N 51 -25.51 47.53 -33.99
N ILE N 52 -24.68 48.57 -34.09
CA ILE N 52 -25.18 49.94 -34.07
C ILE N 52 -24.39 50.89 -34.92
N THR N 53 -25.05 51.98 -35.26
CA THR N 53 -24.41 53.09 -35.93
C THR N 53 -23.41 53.73 -35.00
N PRO N 54 -22.30 54.21 -35.56
CA PRO N 54 -21.27 54.92 -34.82
C PRO N 54 -21.85 55.99 -33.90
N LYS N 55 -22.73 56.84 -34.42
CA LYS N 55 -23.30 57.87 -33.56
C LYS N 55 -23.90 57.25 -32.28
N SER N 56 -24.70 56.19 -32.42
CA SER N 56 -25.24 55.52 -31.24
C SER N 56 -24.14 55.03 -30.29
N ALA N 57 -23.12 54.39 -30.86
CA ALA N 57 -22.02 53.90 -30.06
C ALA N 57 -21.41 55.02 -29.25
N GLN N 58 -21.10 56.11 -29.95
CA GLN N 58 -20.37 57.23 -29.39
C GLN N 58 -21.17 57.87 -28.28
N LYS N 59 -22.47 58.03 -28.52
CA LYS N 59 -23.38 58.46 -27.46
C LYS N 59 -23.27 57.57 -26.22
N LEU N 60 -23.53 56.27 -26.38
CA LEU N 60 -23.67 55.34 -25.25
C LEU N 60 -22.40 55.08 -24.44
N LYS N 61 -21.28 54.91 -25.14
CA LYS N 61 -20.02 54.56 -24.50
C LYS N 61 -19.76 55.25 -23.15
N PRO N 62 -19.85 56.59 -23.11
CA PRO N 62 -19.51 57.30 -21.87
C PRO N 62 -20.50 57.01 -20.75
N VAL N 63 -21.77 56.91 -21.09
CA VAL N 63 -22.79 56.60 -20.11
C VAL N 63 -22.63 55.19 -19.53
N LEU N 64 -22.16 54.26 -20.38
CA LEU N 64 -21.93 52.89 -19.94
C LEU N 64 -20.68 52.87 -19.09
N GLU N 65 -19.62 53.49 -19.58
CA GLU N 65 -18.40 53.55 -18.81
C GLU N 65 -18.70 54.07 -17.41
N LYS N 66 -19.45 55.17 -17.33
CA LYS N 66 -19.77 55.73 -16.02
C LYS N 66 -20.38 54.65 -15.11
N TRP N 67 -21.55 54.17 -15.51
CA TRP N 67 -22.29 53.14 -14.79
C TRP N 67 -21.45 51.92 -14.41
N LEU N 68 -20.68 51.39 -15.36
CA LEU N 68 -19.73 50.33 -15.06
C LEU N 68 -18.89 50.62 -13.83
N ASN N 69 -18.15 51.73 -13.88
CA ASN N 69 -17.26 52.11 -12.79
C ASN N 69 -18.02 52.23 -11.48
N GLU N 70 -19.28 52.61 -11.57
CA GLU N 70 -20.17 52.67 -10.42
C GLU N 70 -20.44 51.29 -9.82
N ALA N 71 -20.74 50.32 -10.69
CA ALA N 71 -21.06 48.96 -10.26
C ALA N 71 -19.85 48.27 -9.67
N GLU N 72 -18.71 48.37 -10.36
CA GLU N 72 -17.47 47.86 -9.83
C GLU N 72 -17.19 48.44 -8.43
N LEU N 73 -17.89 49.53 -8.11
CA LEU N 73 -17.73 50.19 -6.81
C LEU N 73 -18.60 49.53 -5.75
N ARG N 74 -19.89 49.33 -6.04
CA ARG N 74 -20.78 48.60 -5.15
C ARG N 74 -20.24 47.18 -4.90
N ASN N 75 -19.87 46.52 -5.99
CA ASN N 75 -18.99 45.35 -5.93
C ASN N 75 -17.64 45.88 -5.48
N GLN N 76 -16.80 45.03 -4.89
CA GLN N 76 -15.61 45.52 -4.17
C GLN N 76 -16.11 46.45 -3.07
N GLU N 77 -17.03 45.93 -2.27
CA GLU N 77 -17.73 46.67 -1.24
C GLU N 77 -18.80 45.73 -0.71
N GLY N 78 -18.91 44.56 -1.35
CA GLY N 78 -19.87 43.55 -0.92
C GLY N 78 -20.73 43.03 -2.04
N GLN N 79 -20.82 41.72 -2.16
CA GLN N 79 -21.69 41.08 -3.15
C GLN N 79 -23.12 41.54 -2.95
N GLN N 80 -23.50 41.71 -1.69
CA GLN N 80 -24.82 42.21 -1.36
C GLN N 80 -24.97 43.62 -1.89
N ASN N 81 -23.87 44.37 -1.82
CA ASN N 81 -23.86 45.76 -2.24
C ASN N 81 -24.12 45.90 -3.75
N LEU N 82 -23.37 45.16 -4.56
CA LEU N 82 -23.57 45.12 -6.01
C LEU N 82 -25.03 44.82 -6.33
N GLU N 84 -27.89 45.23 -4.44
CA GLU N 84 -28.79 46.32 -4.11
C GLU N 84 -28.78 47.30 -5.27
N PHE N 85 -27.58 47.48 -5.83
CA PHE N 85 -27.29 48.44 -6.88
C PHE N 85 -28.11 48.21 -8.14
N VAL N 86 -28.50 46.96 -8.37
CA VAL N 86 -29.30 46.58 -9.53
C VAL N 86 -30.77 46.38 -9.17
N ASN O 2 -45.99 26.07 2.17
CA ASN O 2 -46.42 25.37 3.38
C ASN O 2 -45.40 24.33 3.86
N GLU O 4 -44.12 23.64 6.57
CA GLU O 4 -44.62 22.94 7.73
C GLU O 4 -45.31 21.68 7.24
N GLU O 5 -46.43 21.86 6.55
CA GLU O 5 -47.23 20.73 6.07
C GLU O 5 -46.36 19.68 5.39
N ILE O 6 -45.75 20.06 4.28
CA ILE O 6 -45.00 19.10 3.50
C ILE O 6 -43.91 18.40 4.31
N ARG O 7 -43.18 19.15 5.13
CA ARG O 7 -42.16 18.53 5.98
C ARG O 7 -42.77 17.40 6.80
N GLU O 8 -43.91 17.68 7.43
CA GLU O 8 -44.59 16.67 8.22
C GLU O 8 -44.99 15.49 7.36
N PHE O 9 -45.59 15.76 6.21
CA PHE O 9 -46.09 14.69 5.35
C PHE O 9 -45.00 13.70 4.94
N ALA O 10 -43.83 14.21 4.59
CA ALA O 10 -42.73 13.32 4.20
C ALA O 10 -42.42 12.41 5.38
N LYS O 11 -42.25 13.01 6.55
CA LYS O 11 -42.06 12.26 7.79
C LYS O 11 -43.05 11.11 7.86
N ASN O 12 -44.33 11.46 7.92
CA ASN O 12 -45.38 10.48 8.10
C ASN O 12 -45.53 9.54 6.90
N PHE O 13 -45.11 9.98 5.72
CA PHE O 13 -45.16 9.09 4.57
C PHE O 13 -44.15 7.95 4.72
N LYS O 14 -42.94 8.27 5.14
CA LYS O 14 -41.92 7.24 5.32
C LYS O 14 -42.41 6.19 6.30
N ILE O 15 -42.77 6.64 7.50
CA ILE O 15 -43.29 5.75 8.53
C ILE O 15 -44.34 4.85 7.92
N ARG O 16 -45.42 5.47 7.44
CA ARG O 16 -46.54 4.77 6.82
C ARG O 16 -46.09 3.70 5.82
N ARG O 17 -45.11 4.06 5.00
CA ARG O 17 -44.56 3.17 3.97
C ARG O 17 -43.85 1.95 4.58
N LEU O 18 -43.07 2.22 5.62
CA LEU O 18 -42.31 1.19 6.32
C LEU O 18 -43.22 0.29 7.14
N SER O 19 -44.14 0.91 7.85
CA SER O 19 -45.11 0.22 8.67
C SER O 19 -46.19 -0.38 7.78
N LEU O 20 -45.76 -0.98 6.69
CA LEU O 20 -46.68 -1.53 5.72
C LEU O 20 -45.83 -2.49 4.91
N GLY O 21 -44.55 -2.51 5.27
CA GLY O 21 -43.58 -3.46 4.78
C GLY O 21 -43.16 -3.23 3.35
N LEU O 22 -43.09 -1.95 2.95
CA LEU O 22 -42.87 -1.61 1.55
C LEU O 22 -41.53 -0.94 1.25
N THR O 23 -40.88 -1.40 0.19
CA THR O 23 -39.61 -0.80 -0.22
C THR O 23 -39.91 0.43 -1.04
N GLN O 24 -38.97 1.39 -1.03
CA GLN O 24 -39.07 2.57 -1.88
C GLN O 24 -39.37 2.14 -3.29
N THR O 25 -38.57 1.21 -3.80
CA THR O 25 -38.74 0.77 -5.17
C THR O 25 -40.06 0.06 -5.44
N GLN O 26 -40.68 -0.49 -4.41
CA GLN O 26 -42.02 -1.07 -4.57
C GLN O 26 -43.05 0.02 -4.83
N VAL O 27 -43.13 0.97 -3.89
CA VAL O 27 -44.04 2.07 -4.02
C VAL O 27 -43.83 2.69 -5.40
N GLY O 28 -42.57 2.98 -5.71
CA GLY O 28 -42.20 3.55 -7.00
C GLY O 28 -42.83 2.76 -8.12
N GLN O 29 -42.35 1.54 -8.33
CA GLN O 29 -42.84 0.65 -9.39
C GLN O 29 -44.37 0.51 -9.41
N ALA O 30 -44.96 0.60 -8.23
CA ALA O 30 -46.40 0.51 -8.11
C ALA O 30 -47.04 1.74 -8.75
N THR O 32 -46.03 4.02 -10.44
CA THR O 32 -45.79 4.33 -11.84
C THR O 32 -46.70 3.44 -12.67
N ALA O 33 -47.88 3.97 -12.97
CA ALA O 33 -48.86 3.28 -13.78
C ALA O 33 -48.27 3.00 -15.17
N THR O 34 -48.97 2.18 -15.94
CA THR O 34 -48.53 1.72 -17.26
C THR O 34 -47.88 2.80 -18.15
N GLU O 35 -48.29 4.05 -17.98
CA GLU O 35 -47.66 5.17 -18.68
C GLU O 35 -47.26 6.29 -17.74
N GLY O 36 -46.65 7.33 -18.30
CA GLY O 36 -46.12 8.44 -17.52
C GLY O 36 -47.17 9.09 -16.64
N PRO O 37 -46.73 9.77 -15.57
CA PRO O 37 -45.30 9.92 -15.24
C PRO O 37 -44.69 8.67 -14.57
N ALA O 38 -43.37 8.68 -14.45
CA ALA O 38 -42.64 7.58 -13.87
C ALA O 38 -42.09 7.93 -12.49
N TYR O 39 -42.24 7.01 -11.54
CA TYR O 39 -41.79 7.25 -10.17
C TYR O 39 -40.73 6.25 -9.75
N SER O 40 -39.50 6.72 -9.54
CA SER O 40 -38.41 5.81 -9.24
C SER O 40 -38.16 5.72 -7.75
N GLN O 41 -37.50 4.64 -7.34
CA GLN O 41 -37.08 4.53 -5.97
C GLN O 41 -36.31 5.79 -5.65
N SER O 42 -35.41 6.15 -6.57
CA SER O 42 -34.59 7.36 -6.44
C SER O 42 -35.42 8.55 -6.04
N ALA O 43 -36.50 8.75 -6.78
CA ALA O 43 -37.41 9.85 -6.51
C ALA O 43 -37.92 9.77 -5.08
N ILE O 44 -38.53 8.64 -4.75
CA ILE O 44 -39.05 8.43 -3.39
C ILE O 44 -38.00 8.78 -2.33
N SER O 45 -36.79 8.29 -2.52
CA SER O 45 -35.73 8.59 -1.60
C SER O 45 -35.58 10.10 -1.42
N ARG O 46 -35.47 10.85 -2.52
CA ARG O 46 -35.29 12.30 -2.44
C ARG O 46 -36.51 13.00 -1.82
N PHE O 47 -37.71 12.60 -2.21
CA PHE O 47 -38.89 13.19 -1.61
C PHE O 47 -38.83 13.03 -0.10
N GLU O 48 -38.76 11.78 0.32
CA GLU O 48 -38.87 11.42 1.73
C GLU O 48 -37.79 12.12 2.54
N LYS O 49 -36.62 12.29 1.94
CA LYS O 49 -35.52 12.97 2.61
C LYS O 49 -35.54 14.46 2.35
N LEU O 50 -36.53 14.90 1.57
CA LEU O 50 -36.76 16.31 1.34
C LEU O 50 -35.74 16.95 0.40
N ASP O 51 -35.06 16.14 -0.39
CA ASP O 51 -34.11 16.65 -1.35
C ASP O 51 -34.85 17.02 -2.62
N ILE O 52 -35.81 17.93 -2.52
CA ILE O 52 -36.48 18.45 -3.70
C ILE O 52 -37.04 19.84 -3.49
N THR O 53 -37.42 20.46 -4.61
CA THR O 53 -37.98 21.78 -4.61
C THR O 53 -39.37 21.79 -4.01
N PRO O 54 -39.68 22.83 -3.22
CA PRO O 54 -41.04 23.03 -2.71
C PRO O 54 -42.06 22.92 -3.85
N LYS O 55 -41.75 23.50 -4.99
CA LYS O 55 -42.70 23.53 -6.10
C LYS O 55 -43.01 22.13 -6.58
N SER O 56 -41.96 21.33 -6.76
CA SER O 56 -42.08 19.97 -7.25
C SER O 56 -42.56 19.01 -6.16
N ALA O 57 -42.34 19.38 -4.90
CA ALA O 57 -42.83 18.62 -3.76
C ALA O 57 -44.34 18.78 -3.63
N GLN O 58 -44.79 20.02 -3.61
CA GLN O 58 -46.21 20.33 -3.58
C GLN O 58 -46.95 19.59 -4.71
N LYS O 59 -46.24 19.28 -5.78
CA LYS O 59 -46.84 18.58 -6.90
C LYS O 59 -46.86 17.07 -6.68
N LEU O 60 -45.94 16.57 -5.85
CA LEU O 60 -45.92 15.15 -5.49
C LEU O 60 -46.86 14.82 -4.35
N LYS O 61 -46.75 15.61 -3.29
CA LYS O 61 -47.52 15.39 -2.07
C LYS O 61 -48.87 14.76 -2.37
N PRO O 62 -49.69 15.43 -3.19
CA PRO O 62 -51.02 14.91 -3.52
C PRO O 62 -51.01 13.54 -4.17
N VAL O 63 -50.17 13.33 -5.18
CA VAL O 63 -50.21 12.04 -5.89
C VAL O 63 -49.80 10.87 -4.99
N LEU O 64 -48.83 11.09 -4.12
CA LEU O 64 -48.43 10.11 -3.12
C LEU O 64 -49.57 9.81 -2.16
N GLU O 65 -50.04 10.88 -1.51
CA GLU O 65 -51.17 10.81 -0.58
C GLU O 65 -52.27 9.92 -1.11
N LYS O 66 -52.74 10.21 -2.33
CA LYS O 66 -53.82 9.42 -2.93
C LYS O 66 -53.45 7.95 -3.09
N TRP O 67 -52.19 7.67 -3.39
CA TRP O 67 -51.76 6.29 -3.59
C TRP O 67 -51.61 5.59 -2.25
N LEU O 68 -51.22 6.36 -1.24
CA LEU O 68 -50.98 5.80 0.07
C LEU O 68 -52.28 5.37 0.70
N ASN O 69 -53.37 6.04 0.34
CA ASN O 69 -54.69 5.62 0.80
C ASN O 69 -55.07 4.29 0.20
N GLU O 70 -55.24 4.24 -1.12
CA GLU O 70 -55.66 2.98 -1.73
C GLU O 70 -54.78 1.81 -1.25
N ALA O 71 -53.53 2.10 -0.89
CA ALA O 71 -52.64 1.06 -0.37
C ALA O 71 -53.12 0.59 1.01
N GLU O 72 -53.13 1.51 1.96
CA GLU O 72 -53.59 1.21 3.31
C GLU O 72 -54.97 0.57 3.35
N LEU O 73 -55.77 0.85 2.34
CA LEU O 73 -57.11 0.30 2.22
C LEU O 73 -57.05 -1.19 1.91
N ARG O 74 -56.21 -1.54 0.93
CA ARG O 74 -56.07 -2.92 0.48
C ARG O 74 -55.27 -3.72 1.48
N ASN O 75 -54.55 -3.00 2.34
CA ASN O 75 -53.87 -3.63 3.45
C ASN O 75 -54.85 -3.99 4.54
N GLN O 76 -55.68 -3.02 4.92
CA GLN O 76 -56.72 -3.21 5.94
C GLN O 76 -57.59 -4.41 5.61
N GLU O 77 -57.52 -4.87 4.37
CA GLU O 77 -58.24 -6.06 3.96
C GLU O 77 -57.30 -7.19 3.50
N GLY O 78 -56.16 -7.30 4.17
CA GLY O 78 -55.25 -8.41 3.96
C GLY O 78 -53.98 -8.08 3.21
N GLN O 79 -52.88 -8.65 3.66
CA GLN O 79 -51.57 -8.45 3.02
C GLN O 79 -51.53 -8.94 1.57
N GLN O 80 -52.57 -9.66 1.14
CA GLN O 80 -52.61 -10.15 -0.23
C GLN O 80 -53.33 -9.17 -1.16
N ASN O 81 -54.26 -8.39 -0.61
CA ASN O 81 -54.86 -7.29 -1.35
C ASN O 81 -53.74 -6.29 -1.66
N LEU O 82 -53.13 -5.79 -0.59
CA LEU O 82 -51.95 -4.94 -0.65
C LEU O 82 -50.96 -5.38 -1.72
N GLU O 84 -51.30 -7.35 -4.29
CA GLU O 84 -51.79 -7.42 -5.64
C GLU O 84 -52.09 -6.02 -6.14
N PHE O 85 -52.29 -5.10 -5.19
CA PHE O 85 -52.42 -3.69 -5.52
C PHE O 85 -51.06 -3.21 -6.01
N VAL O 86 -50.05 -3.36 -5.15
CA VAL O 86 -48.66 -3.06 -5.51
C VAL O 86 -48.33 -3.64 -6.88
N GLY O 87 -48.85 -4.82 -7.17
CA GLY O 87 -48.61 -5.45 -8.45
C GLY O 87 -47.12 -5.69 -8.65
N GLY O 88 -46.61 -5.29 -9.81
CA GLY O 88 -45.23 -5.58 -10.17
C GLY O 88 -45.05 -7.07 -10.36
N GLU O 89 -43.95 -7.48 -10.98
CA GLU O 89 -43.72 -8.90 -11.21
C GLU O 89 -43.58 -9.69 -9.90
N PRO O 90 -43.87 -11.00 -9.96
CA PRO O 90 -43.91 -11.94 -8.83
C PRO O 90 -42.92 -11.63 -7.72
N SER O 91 -43.43 -11.53 -6.49
CA SER O 91 -42.62 -11.25 -5.31
C SER O 91 -42.00 -12.54 -4.75
N LYS O 92 -40.68 -12.67 -4.88
CA LYS O 92 -40.01 -13.92 -4.55
C LYS O 92 -39.64 -14.05 -3.07
N LYS O 93 -39.01 -15.18 -2.73
CA LYS O 93 -38.45 -15.38 -1.40
C LYS O 93 -37.03 -14.84 -1.41
N ARG O 94 -36.44 -14.68 -0.23
CA ARG O 94 -35.07 -14.17 -0.11
C ARG O 94 -34.08 -15.04 -0.83
N LYS O 95 -33.08 -14.42 -1.44
CA LYS O 95 -31.91 -15.17 -1.87
C LYS O 95 -31.33 -15.82 -0.61
N ARG O 96 -31.15 -17.13 -0.65
CA ARG O 96 -30.52 -17.82 0.47
C ARG O 96 -29.09 -17.31 0.62
N ARG O 97 -28.63 -17.21 1.86
CA ARG O 97 -27.34 -16.60 2.15
C ARG O 97 -26.19 -17.47 1.68
N THR O 98 -25.81 -17.35 0.42
CA THR O 98 -24.81 -18.27 -0.12
C THR O 98 -23.62 -18.43 0.83
N SER O 99 -23.19 -19.68 0.97
CA SER O 99 -22.05 -20.06 1.78
C SER O 99 -20.93 -20.51 0.85
N PHE O 100 -19.77 -19.87 0.95
CA PHE O 100 -18.67 -20.19 0.04
C PHE O 100 -17.83 -21.36 0.53
N THR O 101 -17.28 -22.10 -0.41
CA THR O 101 -16.26 -23.08 -0.10
C THR O 101 -15.04 -22.30 0.40
N PRO O 102 -14.25 -22.90 1.29
CA PRO O 102 -13.09 -22.17 1.84
C PRO O 102 -12.22 -21.66 0.72
N GLN O 103 -11.76 -22.57 -0.14
CA GLN O 103 -10.92 -22.21 -1.28
C GLN O 103 -11.55 -21.12 -2.15
N ALA O 104 -12.88 -21.13 -2.26
CA ALA O 104 -13.58 -20.07 -2.97
C ALA O 104 -13.27 -18.74 -2.30
N ILE O 105 -13.41 -18.69 -0.98
CA ILE O 105 -13.11 -17.47 -0.26
C ILE O 105 -11.61 -17.16 -0.32
N GLU O 106 -10.79 -18.16 -0.62
CA GLU O 106 -9.36 -17.94 -0.78
C GLU O 106 -8.99 -17.57 -2.22
N ALA O 107 -9.73 -18.10 -3.18
CA ALA O 107 -9.58 -17.69 -4.57
C ALA O 107 -10.15 -16.29 -4.77
N LEU O 108 -10.95 -15.85 -3.80
CA LEU O 108 -11.63 -14.56 -3.88
C LEU O 108 -10.75 -13.39 -3.47
N ASN O 109 -10.09 -13.51 -2.32
CA ASN O 109 -9.12 -12.51 -1.91
C ASN O 109 -7.81 -12.71 -2.67
N ALA O 110 -7.77 -13.79 -3.45
CA ALA O 110 -6.76 -13.92 -4.48
C ALA O 110 -6.91 -12.75 -5.44
N TYR O 111 -7.92 -12.83 -6.31
CA TYR O 111 -8.22 -11.75 -7.25
C TYR O 111 -8.24 -10.39 -6.58
N PHE O 112 -8.75 -10.35 -5.35
CA PHE O 112 -8.92 -9.09 -4.62
C PHE O 112 -7.61 -8.35 -4.41
N GLU O 113 -6.51 -9.09 -4.32
CA GLU O 113 -5.20 -8.49 -4.15
C GLU O 113 -4.81 -7.62 -5.36
N LYS O 114 -4.52 -8.27 -6.48
CA LYS O 114 -4.17 -7.56 -7.71
C LYS O 114 -5.25 -6.55 -8.09
N ASN O 115 -6.46 -7.05 -8.34
CA ASN O 115 -7.57 -6.21 -8.72
C ASN O 115 -8.67 -6.16 -7.66
N PRO O 116 -8.61 -5.14 -6.79
CA PRO O 116 -9.61 -4.91 -5.75
C PRO O 116 -10.85 -4.18 -6.28
N LEU O 117 -10.94 -4.03 -7.61
CA LEU O 117 -12.03 -3.28 -8.21
C LEU O 117 -12.35 -3.73 -9.64
N PRO O 118 -12.57 -5.04 -9.84
CA PRO O 118 -12.83 -5.54 -11.19
C PRO O 118 -14.00 -4.81 -11.86
N THR O 119 -14.03 -4.83 -13.19
CA THR O 119 -15.14 -4.24 -13.93
C THR O 119 -16.08 -5.37 -14.31
N GLY O 120 -17.33 -5.01 -14.58
CA GLY O 120 -18.35 -5.98 -14.92
C GLY O 120 -17.87 -7.09 -15.84
N GLN O 121 -17.11 -6.71 -16.86
CA GLN O 121 -16.58 -7.67 -17.81
C GLN O 121 -15.78 -8.77 -17.11
N GLU O 122 -14.73 -8.38 -16.38
CA GLU O 122 -13.85 -9.35 -15.75
C GLU O 122 -14.52 -10.14 -14.63
N ILE O 123 -15.45 -9.48 -13.93
CA ILE O 123 -16.18 -10.11 -12.83
C ILE O 123 -17.04 -11.28 -13.31
N THR O 124 -17.64 -11.13 -14.49
CA THR O 124 -18.50 -12.17 -15.05
C THR O 124 -17.68 -13.34 -15.56
N GLU O 125 -16.36 -13.14 -15.64
CA GLU O 125 -15.44 -14.17 -16.07
C GLU O 125 -14.99 -15.03 -14.89
N ALA O 127 -16.82 -15.44 -12.39
CA ALA O 127 -18.05 -16.12 -12.05
C ALA O 127 -18.16 -17.45 -12.81
N LYS O 128 -17.71 -17.45 -14.05
CA LYS O 128 -17.71 -18.66 -14.86
C LYS O 128 -16.81 -19.71 -14.21
N GLU O 129 -15.65 -19.28 -13.71
CA GLU O 129 -14.64 -20.20 -13.21
C GLU O 129 -14.86 -20.61 -11.75
N LEU O 130 -15.99 -20.24 -11.18
CA LEU O 130 -16.18 -20.46 -9.75
C LEU O 130 -17.57 -20.94 -9.34
N ASN O 131 -18.32 -21.51 -10.27
CA ASN O 131 -19.63 -22.10 -9.99
C ASN O 131 -20.54 -21.20 -9.14
N TYR O 132 -20.39 -19.89 -9.34
CA TYR O 132 -21.19 -18.90 -8.63
C TYR O 132 -21.72 -17.86 -9.61
N ASP O 133 -23.01 -17.59 -9.56
CA ASP O 133 -23.58 -16.60 -10.47
C ASP O 133 -22.91 -15.23 -10.27
N ARG O 134 -22.88 -14.43 -11.32
CA ARG O 134 -22.09 -13.20 -11.34
C ARG O 134 -22.53 -12.18 -10.31
N GLU O 135 -23.85 -12.06 -10.13
CA GLU O 135 -24.42 -11.11 -9.20
C GLU O 135 -23.79 -11.28 -7.83
N VAL O 136 -23.66 -12.54 -7.44
CA VAL O 136 -23.04 -12.95 -6.18
C VAL O 136 -21.61 -12.45 -6.07
N VAL O 137 -20.82 -12.71 -7.12
CA VAL O 137 -19.42 -12.34 -7.11
C VAL O 137 -19.19 -10.84 -7.03
N ARG O 138 -20.05 -10.09 -7.72
CA ARG O 138 -19.91 -8.65 -7.76
C ARG O 138 -20.02 -8.12 -6.34
N VAL O 139 -21.09 -8.55 -5.67
CA VAL O 139 -21.37 -8.14 -4.32
C VAL O 139 -20.28 -8.60 -3.36
N TRP O 140 -19.70 -9.76 -3.63
CA TRP O 140 -18.61 -10.24 -2.81
C TRP O 140 -17.51 -9.20 -2.78
N PHE O 141 -17.14 -8.73 -3.96
CA PHE O 141 -16.06 -7.75 -4.06
C PHE O 141 -16.44 -6.45 -3.40
N SER O 142 -17.64 -5.99 -3.72
CA SER O 142 -18.18 -4.80 -3.13
C SER O 142 -18.14 -4.90 -1.63
N ASN O 143 -18.73 -5.97 -1.12
CA ASN O 143 -18.84 -6.18 0.31
C ASN O 143 -17.46 -6.26 0.94
N ARG O 144 -16.50 -6.77 0.18
CA ARG O 144 -15.12 -6.87 0.63
C ARG O 144 -14.53 -5.48 0.77
N ARG O 145 -14.87 -4.59 -0.16
CA ARG O 145 -14.37 -3.23 -0.11
C ARG O 145 -14.77 -2.52 1.19
N GLN O 146 -16.06 -2.47 1.48
CA GLN O 146 -16.56 -1.74 2.65
C GLN O 146 -15.96 -2.24 3.95
N THR O 147 -15.92 -3.55 4.13
CA THR O 147 -15.44 -4.12 5.39
C THR O 147 -14.07 -3.60 5.80
N LEU O 148 -13.29 -3.17 4.81
CA LEU O 148 -11.96 -2.62 5.07
C LEU O 148 -11.96 -1.12 5.34
N LYS O 149 -12.97 -0.44 4.82
CA LYS O 149 -13.11 1.00 5.06
C LYS O 149 -13.51 1.29 6.51
N ASN O 150 -13.68 0.22 7.29
CA ASN O 150 -14.16 0.34 8.66
C ASN O 150 -13.13 -0.12 9.69
N THR O 151 -12.30 -1.08 9.29
CA THR O 151 -11.34 -1.72 10.20
C THR O 151 -9.97 -1.05 10.14
N ASN P 2 -46.71 -16.31 27.62
CA ASN P 2 -47.73 -15.55 26.88
C ASN P 2 -47.16 -15.00 25.59
N GLU P 4 -48.30 -14.20 22.69
CA GLU P 4 -48.99 -13.16 21.94
C GLU P 4 -48.61 -11.83 22.55
N GLU P 5 -48.64 -11.76 23.87
CA GLU P 5 -48.20 -10.60 24.61
C GLU P 5 -46.86 -10.13 24.07
N ILE P 6 -45.96 -11.10 23.88
CA ILE P 6 -44.62 -10.82 23.41
C ILE P 6 -44.60 -10.52 21.91
N ARG P 7 -45.39 -11.26 21.14
CA ARG P 7 -45.51 -11.01 19.70
C ARG P 7 -45.95 -9.56 19.51
N GLU P 8 -47.05 -9.21 20.15
CA GLU P 8 -47.59 -7.86 20.06
C GLU P 8 -46.61 -6.78 20.46
N PHE P 9 -45.82 -7.03 21.50
CA PHE P 9 -44.79 -6.07 21.87
C PHE P 9 -43.79 -5.86 20.74
N ALA P 10 -43.47 -6.93 20.01
CA ALA P 10 -42.46 -6.84 18.95
C ALA P 10 -42.99 -5.99 17.81
N LYS P 11 -44.18 -6.35 17.34
CA LYS P 11 -44.93 -5.56 16.38
C LYS P 11 -44.73 -4.06 16.64
N ASN P 12 -45.08 -3.62 17.85
CA ASN P 12 -45.03 -2.22 18.22
C ASN P 12 -43.62 -1.67 18.46
N PHE P 13 -42.70 -2.54 18.88
CA PHE P 13 -41.35 -2.08 19.10
C PHE P 13 -40.81 -1.51 17.81
N LYS P 14 -40.94 -2.33 16.76
CA LYS P 14 -40.50 -2.00 15.42
C LYS P 14 -41.05 -0.62 15.07
N ILE P 15 -42.37 -0.54 15.07
CA ILE P 15 -43.12 0.70 14.89
C ILE P 15 -42.52 1.90 15.61
N ARG P 16 -42.60 1.87 16.93
CA ARG P 16 -42.14 2.96 17.76
C ARG P 16 -40.67 3.28 17.52
N ARG P 17 -39.96 2.36 16.90
CA ARG P 17 -38.55 2.56 16.61
C ARG P 17 -38.45 3.45 15.36
N LEU P 18 -39.47 3.35 14.53
CA LEU P 18 -39.50 4.09 13.28
C LEU P 18 -40.01 5.49 13.51
N SER P 19 -41.08 5.60 14.29
CA SER P 19 -41.62 6.89 14.68
C SER P 19 -40.49 7.74 15.26
N LEU P 20 -39.57 7.08 15.95
CA LEU P 20 -38.44 7.78 16.53
C LEU P 20 -37.34 7.95 15.49
N GLY P 21 -37.64 7.58 14.26
CA GLY P 21 -36.67 7.65 13.18
C GLY P 21 -35.34 7.00 13.51
N LEU P 22 -35.39 5.78 14.06
CA LEU P 22 -34.18 5.06 14.43
C LEU P 22 -33.96 3.79 13.61
N THR P 23 -32.68 3.51 13.35
CA THR P 23 -32.27 2.25 12.75
C THR P 23 -31.94 1.25 13.86
N GLN P 24 -32.20 -0.03 13.57
CA GLN P 24 -31.76 -1.11 14.43
C GLN P 24 -30.30 -0.90 14.82
N THR P 25 -29.50 -0.49 13.86
CA THR P 25 -28.08 -0.33 14.08
C THR P 25 -27.80 0.70 15.19
N GLN P 26 -28.56 1.80 15.15
CA GLN P 26 -28.47 2.86 16.15
C GLN P 26 -28.80 2.32 17.53
N VAL P 27 -29.96 1.68 17.61
CA VAL P 27 -30.43 1.08 18.85
C VAL P 27 -29.45 0.07 19.45
N GLY P 28 -28.97 -0.84 18.62
CA GLY P 28 -28.00 -1.82 19.07
C GLY P 28 -26.79 -1.11 19.66
N GLN P 29 -26.24 -0.18 18.91
CA GLN P 29 -25.08 0.61 19.34
C GLN P 29 -25.31 1.19 20.75
N ALA P 30 -26.53 1.68 20.98
CA ALA P 30 -26.89 2.27 22.27
C ALA P 30 -26.93 1.21 23.37
N THR P 32 -26.19 -2.03 23.60
CA THR P 32 -25.00 -2.83 23.88
C THR P 32 -24.14 -2.08 24.90
N ALA P 33 -23.97 -0.78 24.66
CA ALA P 33 -23.18 0.08 25.53
C ALA P 33 -23.71 0.17 26.96
N THR P 34 -25.03 0.06 27.11
CA THR P 34 -25.65 0.24 28.41
C THR P 34 -26.10 -1.11 29.03
N GLU P 35 -26.58 -2.02 28.20
CA GLU P 35 -27.17 -3.28 28.65
C GLU P 35 -26.35 -4.52 28.33
N GLY P 36 -25.35 -4.39 27.48
CA GLY P 36 -24.48 -5.51 27.15
C GLY P 36 -24.66 -6.04 25.74
N PRO P 37 -23.91 -7.11 25.41
CA PRO P 37 -23.79 -7.63 24.05
C PRO P 37 -25.08 -8.28 23.61
N ALA P 38 -25.95 -8.56 24.58
CA ALA P 38 -27.23 -9.20 24.31
C ALA P 38 -28.14 -8.31 23.49
N TYR P 39 -27.72 -7.07 23.27
CA TYR P 39 -28.56 -6.10 22.58
C TYR P 39 -27.89 -5.48 21.36
N SER P 40 -27.20 -6.32 20.59
CA SER P 40 -26.56 -5.89 19.37
C SER P 40 -27.61 -5.73 18.28
N GLN P 41 -27.20 -5.19 17.13
CA GLN P 41 -28.12 -4.90 16.03
C GLN P 41 -28.83 -6.14 15.48
N SER P 42 -28.10 -7.25 15.36
CA SER P 42 -28.72 -8.48 14.85
C SER P 42 -29.68 -9.03 15.87
N ALA P 43 -29.37 -8.83 17.14
CA ALA P 43 -30.29 -9.25 18.18
C ALA P 43 -31.61 -8.53 17.97
N ILE P 44 -31.52 -7.24 17.67
CA ILE P 44 -32.69 -6.41 17.45
C ILE P 44 -33.47 -6.93 16.24
N SER P 45 -32.74 -7.20 15.17
CA SER P 45 -33.33 -7.76 13.96
C SER P 45 -34.10 -9.04 14.29
N ARG P 46 -33.43 -9.95 14.99
CA ARG P 46 -34.01 -11.25 15.32
C ARG P 46 -35.17 -11.11 16.29
N PHE P 47 -35.04 -10.17 17.22
CA PHE P 47 -36.14 -9.91 18.13
C PHE P 47 -37.34 -9.38 17.35
N GLU P 48 -37.09 -8.41 16.49
CA GLU P 48 -38.17 -7.76 15.77
C GLU P 48 -38.89 -8.77 14.90
N LYS P 49 -38.16 -9.78 14.44
CA LYS P 49 -38.73 -10.80 13.56
C LYS P 49 -39.15 -12.06 14.32
N LEU P 50 -38.98 -12.03 15.64
CA LEU P 50 -39.42 -13.14 16.48
C LEU P 50 -38.66 -14.42 16.12
N ASP P 51 -37.44 -14.23 15.62
CA ASP P 51 -36.55 -15.31 15.30
C ASP P 51 -35.65 -15.60 16.50
N ILE P 52 -36.29 -15.84 17.65
CA ILE P 52 -35.57 -16.24 18.85
C ILE P 52 -36.44 -17.15 19.69
N THR P 53 -35.81 -17.83 20.63
CA THR P 53 -36.52 -18.74 21.51
C THR P 53 -37.31 -17.96 22.54
N PRO P 54 -38.37 -18.57 23.04
CA PRO P 54 -39.24 -17.91 24.01
C PRO P 54 -38.46 -17.36 25.19
N LYS P 55 -37.63 -18.19 25.83
CA LYS P 55 -36.93 -17.73 27.04
C LYS P 55 -36.25 -16.41 26.77
N SER P 56 -35.45 -16.35 25.72
CA SER P 56 -34.66 -15.16 25.43
C SER P 56 -35.54 -13.96 25.09
N ALA P 57 -36.64 -14.20 24.39
CA ALA P 57 -37.54 -13.10 24.15
C ALA P 57 -38.01 -12.56 25.50
N GLN P 58 -38.42 -13.47 26.38
CA GLN P 58 -38.96 -13.10 27.68
C GLN P 58 -37.95 -12.30 28.48
N LYS P 59 -36.68 -12.66 28.32
CA LYS P 59 -35.61 -11.96 28.99
C LYS P 59 -35.46 -10.53 28.46
N LEU P 60 -35.55 -10.37 27.13
CA LEU P 60 -35.28 -9.09 26.47
C LEU P 60 -36.42 -8.08 26.59
N LYS P 61 -37.63 -8.52 26.27
CA LYS P 61 -38.80 -7.64 26.28
C LYS P 61 -38.77 -6.54 27.34
N PRO P 62 -38.59 -6.93 28.62
CA PRO P 62 -38.56 -5.94 29.71
C PRO P 62 -37.54 -4.84 29.43
N VAL P 63 -36.27 -5.22 29.34
CA VAL P 63 -35.20 -4.27 29.11
C VAL P 63 -35.49 -3.34 27.93
N LEU P 64 -35.85 -3.95 26.80
CA LEU P 64 -36.20 -3.20 25.61
C LEU P 64 -37.18 -2.11 25.95
N GLU P 65 -38.38 -2.54 26.32
CA GLU P 65 -39.46 -1.62 26.68
C GLU P 65 -38.97 -0.47 27.58
N LYS P 66 -38.11 -0.78 28.54
CA LYS P 66 -37.56 0.25 29.42
C LYS P 66 -36.82 1.28 28.59
N TRP P 67 -35.77 0.84 27.92
CA TRP P 67 -34.94 1.70 27.10
C TRP P 67 -35.74 2.48 26.06
N LEU P 68 -36.77 1.83 25.51
CA LEU P 68 -37.61 2.45 24.50
C LEU P 68 -38.31 3.69 25.04
N ASN P 69 -38.72 3.63 26.31
CA ASN P 69 -39.42 4.76 26.91
C ASN P 69 -38.51 5.94 27.15
N GLU P 70 -37.32 5.68 27.68
CA GLU P 70 -36.31 6.71 27.81
C GLU P 70 -36.16 7.45 26.49
N ALA P 71 -35.91 6.68 25.43
CA ALA P 71 -35.64 7.25 24.12
C ALA P 71 -36.82 8.07 23.61
N GLU P 72 -38.03 7.63 23.91
CA GLU P 72 -39.22 8.37 23.51
C GLU P 72 -39.32 9.69 24.26
N LEU P 73 -39.09 9.62 25.57
CA LEU P 73 -39.05 10.82 26.41
C LEU P 73 -38.11 11.88 25.86
N ARG P 74 -36.95 11.45 25.36
CA ARG P 74 -35.94 12.38 24.86
C ARG P 74 -36.22 12.92 23.45
N ASN P 75 -37.27 12.41 22.81
CA ASN P 75 -37.74 12.98 21.55
C ASN P 75 -38.90 13.94 21.79
N GLN P 76 -39.74 13.59 22.75
CA GLN P 76 -40.83 14.47 23.19
C GLN P 76 -40.23 15.66 23.93
N GLU P 77 -39.03 15.47 24.46
CA GLU P 77 -38.27 16.58 25.03
C GLU P 77 -37.21 17.03 24.02
N GLY P 78 -37.68 17.50 22.87
CA GLY P 78 -36.80 18.01 21.82
C GLY P 78 -36.16 16.94 20.96
N GLN P 79 -35.73 17.34 19.76
CA GLN P 79 -35.04 16.43 18.86
C GLN P 79 -33.66 16.06 19.38
N GLN P 80 -32.71 16.98 19.29
CA GLN P 80 -31.32 16.72 19.66
C GLN P 80 -31.16 16.17 21.08
N ASN P 81 -32.22 16.21 21.87
CA ASN P 81 -32.24 15.58 23.18
C ASN P 81 -32.10 14.06 23.05
N LEU P 82 -32.14 13.56 21.83
CA LEU P 82 -32.03 12.13 21.57
C LEU P 82 -30.59 11.64 21.58
#